data_4ZNM
#
_entry.id   4ZNM
#
_cell.length_a   99.596
_cell.length_b   104.542
_cell.length_c   108.465
_cell.angle_alpha   90.00
_cell.angle_beta   90.00
_cell.angle_gamma   90.00
#
_symmetry.space_group_name_H-M   'P 21 21 21'
#
loop_
_entity.id
_entity.type
_entity.pdbx_description
1 polymer 'C-domain type II peptide synthetase'
2 non-polymer 'SODIUM ION'
3 non-polymer 'CHLORIDE ION'
4 water water
#
_entity_poly.entity_id   1
_entity_poly.type   'polypeptide(L)'
_entity_poly.pdbx_seq_one_letter_code
;SNA(MSE)TTSDTTDRSQDGVPPLSFHQEFLC(MSE)FDSGNDGADVGPFGP(MSE)YHIVGAWRLTGGIDEETLREALG
DVVVRHEALRTSLVREGGTHRPEILPAGPAALEVRDLGDVDESERVRRGEELLNEVESTGLSVRELPLLRAVLGRFDQKD
AVLVLIAHHTAADAWA(MSE)HVIARDLLNLYAARRGNPVPPLPEPAQHAEFARWEREAAEAPRVAVSKEFWRKRLQGAR
IIGLETDIPRSAGLPKGTAWQRFAVRGELADAVVEFSRAAKCSPF(MSE)T(MSE)FAAYQVLLHRRTGELDITVPTFSG
GRNNSRFEDTVGSFINFLPLRTDLSGCASFREVVLRTRTT(CSO)GEAFTHELPFSRLIPEVPEL(MSE)ASAASDNHQI
SVFQAVHAPASEGPEQAGDLTYSKIWERQLSQAEGSDIPDGVLWSIHIDPSGS(MSE)AGSLGYNTNRFKDET(MSE)AA
FLADYLDVLENAVARPDAPFTS
;
_entity_poly.pdbx_strand_id   A,B
#
# COMPACT_ATOMS: atom_id res chain seq x y z
N PRO A 18 2.24 -29.00 -6.88
CA PRO A 18 3.03 -27.92 -7.48
C PRO A 18 4.27 -27.57 -6.63
N PRO A 19 5.46 -28.08 -6.99
CA PRO A 19 6.68 -27.83 -6.21
C PRO A 19 7.29 -26.47 -6.52
N LEU A 20 8.21 -26.00 -5.67
CA LEU A 20 8.90 -24.75 -5.98
C LEU A 20 9.76 -25.06 -7.18
N SER A 21 9.86 -24.10 -8.09
CA SER A 21 10.80 -24.21 -9.19
C SER A 21 12.24 -24.17 -8.68
N PHE A 22 13.19 -24.57 -9.53
CA PHE A 22 14.60 -24.37 -9.21
C PHE A 22 14.91 -22.91 -8.97
N HIS A 23 14.31 -22.02 -9.76
CA HIS A 23 14.56 -20.62 -9.53
C HIS A 23 14.05 -20.21 -8.14
N GLN A 24 12.88 -20.68 -7.77
CA GLN A 24 12.31 -20.32 -6.48
C GLN A 24 13.17 -20.92 -5.33
N GLU A 25 13.73 -22.10 -5.53
CA GLU A 25 14.73 -22.67 -4.60
C GLU A 25 15.94 -21.76 -4.41
N PHE A 26 16.45 -21.25 -5.52
CA PHE A 26 17.53 -20.28 -5.48
C PHE A 26 17.11 -19.10 -4.62
N LEU A 27 15.90 -18.57 -4.80
CA LEU A 27 15.44 -17.44 -3.99
C LEU A 27 15.39 -17.78 -2.48
N CYS A 28 14.99 -19.00 -2.14
CA CYS A 28 15.01 -19.46 -0.74
C CYS A 28 16.37 -19.27 -0.08
N PHE A 30 18.10 -16.86 -0.26
CA PHE A 30 18.15 -15.43 0.17
C PHE A 30 17.03 -15.01 1.10
N ASP A 31 16.27 -15.96 1.61
CA ASP A 31 15.11 -15.66 2.41
C ASP A 31 15.46 -15.49 3.86
N SER A 32 15.20 -14.30 4.39
N SER A 32 15.21 -14.29 4.37
CA SER A 32 15.61 -13.96 5.74
CA SER A 32 15.53 -13.92 5.74
C SER A 32 14.87 -14.76 6.84
C SER A 32 14.91 -14.81 6.81
N GLY A 33 13.79 -15.44 6.49
CA GLY A 33 13.00 -16.20 7.46
C GLY A 33 11.94 -15.33 8.14
N ASN A 34 11.09 -15.98 8.93
CA ASN A 34 10.14 -15.25 9.77
C ASN A 34 10.93 -14.64 10.90
N ASP A 35 11.02 -13.31 10.90
CA ASP A 35 12.06 -12.61 11.63
C ASP A 35 11.62 -11.18 12.01
N GLY A 36 10.32 -10.92 11.91
CA GLY A 36 9.78 -9.61 12.23
C GLY A 36 9.83 -8.65 11.06
N ALA A 37 10.62 -8.98 10.03
CA ALA A 37 10.77 -8.11 8.87
C ALA A 37 10.28 -8.78 7.58
N ASP A 38 9.27 -8.19 6.96
CA ASP A 38 8.69 -8.76 5.76
C ASP A 38 9.49 -8.25 4.55
N VAL A 39 10.66 -8.84 4.33
CA VAL A 39 11.60 -8.37 3.30
C VAL A 39 12.11 -9.51 2.43
N GLY A 40 12.92 -9.16 1.47
CA GLY A 40 13.55 -10.14 0.58
C GLY A 40 12.60 -10.67 -0.47
N PRO A 41 12.98 -11.77 -1.11
CA PRO A 41 12.26 -12.29 -2.28
C PRO A 41 10.83 -12.78 -2.02
N PHE A 42 10.46 -13.08 -0.77
CA PHE A 42 9.09 -13.46 -0.50
C PHE A 42 8.35 -12.33 0.21
N GLY A 43 8.96 -11.16 0.24
CA GLY A 43 8.32 -9.98 0.74
C GLY A 43 7.65 -9.18 -0.39
N PRO A 44 6.94 -8.11 -0.01
CA PRO A 44 6.07 -7.35 -0.93
C PRO A 44 6.83 -6.39 -1.83
N TYR A 46 9.52 -7.48 -3.67
CA TYR A 46 10.25 -8.25 -4.68
C TYR A 46 9.33 -8.41 -5.88
N HIS A 47 9.23 -7.33 -6.65
CA HIS A 47 8.34 -7.27 -7.78
C HIS A 47 9.08 -6.76 -9.01
N ILE A 48 8.38 -6.84 -10.14
CA ILE A 48 8.93 -6.36 -11.39
C ILE A 48 7.86 -5.44 -11.98
N VAL A 49 8.27 -4.30 -12.53
CA VAL A 49 7.32 -3.31 -13.06
C VAL A 49 7.67 -3.04 -14.49
N GLY A 50 6.67 -2.71 -15.29
CA GLY A 50 6.90 -2.29 -16.65
C GLY A 50 5.85 -1.28 -17.05
N ALA A 51 6.19 -0.49 -18.04
CA ALA A 51 5.29 0.55 -18.54
C ALA A 51 5.27 0.55 -20.05
N TRP A 52 4.07 0.78 -20.59
CA TRP A 52 3.82 0.85 -22.02
C TRP A 52 3.09 2.14 -22.35
N ARG A 53 3.54 2.84 -23.39
CA ARG A 53 2.83 4.00 -23.91
C ARG A 53 1.73 3.50 -24.85
N LEU A 54 0.48 3.89 -24.58
CA LEU A 54 -0.69 3.46 -25.39
C LEU A 54 -1.27 4.59 -26.23
N THR A 55 -1.41 4.36 -27.53
CA THR A 55 -1.99 5.32 -28.46
C THR A 55 -3.31 4.76 -28.98
N GLY A 56 -4.40 5.49 -28.77
CA GLY A 56 -5.70 5.05 -29.21
C GLY A 56 -6.69 5.17 -28.09
N GLY A 57 -7.97 5.03 -28.40
CA GLY A 57 -9.01 5.12 -27.41
C GLY A 57 -8.98 3.89 -26.53
N ILE A 58 -9.38 4.03 -25.27
CA ILE A 58 -9.40 2.93 -24.31
C ILE A 58 -10.75 2.89 -23.67
N ASP A 59 -11.35 1.71 -23.62
CA ASP A 59 -12.55 1.49 -22.79
C ASP A 59 -12.09 0.86 -21.49
N GLU A 60 -12.10 1.64 -20.41
CA GLU A 60 -11.46 1.24 -19.16
C GLU A 60 -12.08 -0.03 -18.58
N GLU A 61 -13.40 -0.08 -18.62
N GLU A 61 -13.40 -0.11 -18.64
CA GLU A 61 -14.13 -1.24 -18.15
CA GLU A 61 -14.10 -1.26 -18.09
C GLU A 61 -13.60 -2.50 -18.80
C GLU A 61 -13.71 -2.55 -18.82
N THR A 62 -13.49 -2.45 -20.13
CA THR A 62 -13.12 -3.63 -20.90
C THR A 62 -11.67 -3.99 -20.64
N LEU A 63 -10.82 -2.99 -20.42
CA LEU A 63 -9.43 -3.25 -20.10
C LEU A 63 -9.33 -3.96 -18.75
N ARG A 64 -10.20 -3.59 -17.81
CA ARG A 64 -10.20 -4.22 -16.50
C ARG A 64 -10.62 -5.68 -16.62
N GLU A 65 -11.66 -5.92 -17.39
CA GLU A 65 -12.08 -7.30 -17.66
C GLU A 65 -10.95 -8.11 -18.31
N ALA A 66 -10.24 -7.52 -19.25
CA ALA A 66 -9.14 -8.21 -19.89
C ALA A 66 -8.05 -8.58 -18.89
N LEU A 67 -7.81 -7.72 -17.92
CA LEU A 67 -6.82 -8.00 -16.89
C LEU A 67 -7.22 -9.22 -16.05
N GLY A 68 -8.50 -9.29 -15.71
CA GLY A 68 -9.08 -10.51 -15.15
C GLY A 68 -8.80 -11.72 -16.04
N ASP A 69 -8.98 -11.55 -17.34
CA ASP A 69 -8.80 -12.65 -18.32
C ASP A 69 -7.36 -13.17 -18.29
N VAL A 70 -6.40 -12.25 -18.16
N VAL A 70 -6.40 -12.25 -18.20
CA VAL A 70 -5.00 -12.60 -18.28
CA VAL A 70 -5.01 -12.64 -18.26
C VAL A 70 -4.51 -13.28 -17.00
C VAL A 70 -4.66 -13.46 -17.03
N VAL A 71 -5.20 -13.04 -15.88
CA VAL A 71 -4.89 -13.74 -14.64
C VAL A 71 -5.50 -15.15 -14.68
N VAL A 72 -6.70 -15.28 -15.25
CA VAL A 72 -7.29 -16.61 -15.39
C VAL A 72 -6.40 -17.42 -16.32
N ARG A 73 -5.89 -16.78 -17.35
CA ARG A 73 -5.09 -17.45 -18.38
C ARG A 73 -3.78 -18.07 -17.87
N HIS A 74 -3.12 -17.40 -16.92
CA HIS A 74 -1.79 -17.79 -16.47
C HIS A 74 -1.80 -18.18 -14.98
N GLU A 75 -1.65 -19.47 -14.72
CA GLU A 75 -1.63 -19.98 -13.33
C GLU A 75 -0.57 -19.34 -12.45
N ALA A 76 0.60 -19.02 -13.01
CA ALA A 76 1.64 -18.40 -12.21
C ALA A 76 1.13 -17.12 -11.57
N LEU A 77 0.15 -16.45 -12.20
CA LEU A 77 -0.34 -15.17 -11.70
C LEU A 77 -1.39 -15.33 -10.59
N ARG A 78 -1.67 -16.58 -10.26
CA ARG A 78 -2.64 -16.98 -9.25
C ARG A 78 -1.98 -17.97 -8.29
N THR A 79 -0.66 -18.10 -8.35
CA THR A 79 0.05 -19.03 -7.45
C THR A 79 0.70 -18.29 -6.30
N SER A 80 -0.01 -18.26 -5.16
CA SER A 80 0.54 -17.67 -3.97
C SER A 80 1.62 -18.59 -3.37
N LEU A 81 2.46 -18.00 -2.55
CA LEU A 81 3.51 -18.68 -1.85
C LEU A 81 3.37 -18.33 -0.37
N VAL A 82 3.10 -19.32 0.47
CA VAL A 82 2.90 -19.05 1.89
C VAL A 82 3.93 -19.78 2.72
N ARG A 83 4.37 -19.15 3.80
CA ARG A 83 5.36 -19.79 4.68
C ARG A 83 4.75 -21.01 5.31
N GLU A 84 5.49 -22.10 5.28
CA GLU A 84 5.10 -23.33 5.91
C GLU A 84 6.35 -24.12 6.26
N GLY A 85 6.49 -24.45 7.54
CA GLY A 85 7.58 -25.32 8.01
C GLY A 85 8.98 -24.96 7.54
N GLY A 86 9.33 -23.67 7.64
CA GLY A 86 10.64 -23.19 7.22
C GLY A 86 10.78 -22.77 5.76
N THR A 87 9.85 -23.20 4.91
CA THR A 87 9.96 -22.94 3.47
C THR A 87 8.69 -22.27 2.94
N HIS A 88 8.46 -22.35 1.63
CA HIS A 88 7.28 -21.77 1.02
C HIS A 88 6.53 -22.83 0.23
N ARG A 89 5.23 -22.87 0.44
CA ARG A 89 4.34 -23.74 -0.30
C ARG A 89 3.59 -22.97 -1.39
N PRO A 90 3.71 -23.40 -2.64
CA PRO A 90 2.84 -22.83 -3.69
C PRO A 90 1.41 -23.31 -3.60
N GLU A 91 0.44 -22.44 -3.84
CA GLU A 91 -0.92 -22.91 -4.01
C GLU A 91 -1.58 -22.13 -5.14
N ILE A 92 -2.15 -22.87 -6.09
CA ILE A 92 -2.81 -22.23 -7.24
C ILE A 92 -4.23 -21.90 -6.86
N LEU A 93 -4.56 -20.61 -6.85
CA LEU A 93 -5.88 -20.16 -6.40
C LEU A 93 -6.76 -19.74 -7.57
N PRO A 94 -8.08 -19.68 -7.35
CA PRO A 94 -8.98 -19.01 -8.30
C PRO A 94 -8.66 -17.52 -8.42
N ALA A 95 -8.75 -16.97 -9.63
CA ALA A 95 -8.46 -15.55 -9.86
C ALA A 95 -9.26 -14.66 -8.91
N GLY A 96 -8.66 -13.57 -8.45
CA GLY A 96 -9.41 -12.66 -7.60
C GLY A 96 -10.22 -11.70 -8.49
N PRO A 97 -10.89 -10.72 -7.87
CA PRO A 97 -11.64 -9.70 -8.61
C PRO A 97 -10.79 -8.95 -9.60
N ALA A 98 -11.28 -8.80 -10.82
CA ALA A 98 -10.58 -7.95 -11.80
C ALA A 98 -10.49 -6.51 -11.26
N ALA A 99 -9.32 -5.89 -11.31
CA ALA A 99 -9.12 -4.57 -10.72
C ALA A 99 -8.25 -3.69 -11.62
N LEU A 100 -8.61 -2.41 -11.70
CA LEU A 100 -7.77 -1.48 -12.47
C LEU A 100 -7.86 -0.13 -11.82
N GLU A 101 -6.70 0.47 -11.56
CA GLU A 101 -6.66 1.84 -11.08
C GLU A 101 -6.39 2.78 -12.26
N VAL A 102 -7.14 3.88 -12.35
CA VAL A 102 -6.92 4.87 -13.40
C VAL A 102 -6.64 6.23 -12.79
N ARG A 103 -5.70 6.96 -13.40
CA ARG A 103 -5.41 8.30 -12.98
C ARG A 103 -5.43 9.23 -14.17
N ASP A 104 -5.88 10.44 -13.92
CA ASP A 104 -5.89 11.48 -14.95
C ASP A 104 -4.56 12.24 -14.79
N LEU A 105 -3.57 11.93 -15.60
CA LEU A 105 -2.22 12.55 -15.50
C LEU A 105 -2.14 14.00 -16.07
N GLY A 106 -3.09 14.34 -16.92
CA GLY A 106 -3.20 15.71 -17.40
C GLY A 106 -2.93 15.84 -18.87
N ASP A 107 -3.63 16.75 -19.52
CA ASP A 107 -3.42 16.99 -20.95
C ASP A 107 -2.25 17.94 -21.13
N VAL A 108 -1.03 17.40 -21.09
CA VAL A 108 0.17 18.25 -21.10
C VAL A 108 1.01 18.00 -22.36
N ASP A 109 2.01 18.83 -22.58
CA ASP A 109 2.83 18.75 -23.81
C ASP A 109 3.72 17.50 -23.76
N GLU A 110 4.25 17.09 -24.91
CA GLU A 110 4.87 15.75 -25.03
C GLU A 110 5.97 15.50 -24.00
N SER A 111 6.90 16.44 -23.84
CA SER A 111 8.00 16.20 -22.90
C SER A 111 7.45 16.01 -21.48
N GLU A 112 6.39 16.71 -21.14
CA GLU A 112 5.84 16.56 -19.81
C GLU A 112 5.16 15.19 -19.66
N ARG A 113 4.65 14.63 -20.76
CA ARG A 113 4.06 13.28 -20.77
C ARG A 113 5.05 12.13 -20.50
N VAL A 114 6.23 12.21 -21.11
CA VAL A 114 7.23 11.16 -20.92
C VAL A 114 7.69 11.16 -19.46
N ARG A 115 7.77 12.38 -18.95
CA ARG A 115 8.19 12.66 -17.60
C ARG A 115 7.16 12.16 -16.62
N ARG A 116 5.88 12.48 -16.85
CA ARG A 116 4.86 12.07 -15.91
C ARG A 116 4.68 10.55 -16.02
N GLY A 117 4.93 9.99 -17.19
CA GLY A 117 4.95 8.54 -17.35
C GLY A 117 6.02 7.85 -16.48
N GLU A 118 7.23 8.40 -16.49
CA GLU A 118 8.30 7.86 -15.68
C GLU A 118 8.01 8.01 -14.20
N GLU A 119 7.46 9.15 -13.81
CA GLU A 119 7.05 9.35 -12.42
C GLU A 119 5.98 8.36 -11.99
N LEU A 120 5.01 8.06 -12.84
CA LEU A 120 4.03 7.08 -12.47
C LEU A 120 4.71 5.73 -12.30
N LEU A 121 5.56 5.36 -13.27
CA LEU A 121 6.26 4.07 -13.18
C LEU A 121 7.01 3.96 -11.81
N ASN A 122 7.72 5.02 -11.45
CA ASN A 122 8.54 4.97 -10.25
C ASN A 122 7.68 4.90 -9.01
N GLU A 123 6.57 5.61 -9.02
CA GLU A 123 5.68 5.62 -7.88
C GLU A 123 5.11 4.21 -7.70
N VAL A 124 4.68 3.59 -8.77
CA VAL A 124 4.13 2.23 -8.65
C VAL A 124 5.22 1.30 -8.12
N GLU A 125 6.45 1.44 -8.59
CA GLU A 125 7.56 0.60 -8.11
C GLU A 125 7.84 0.78 -6.63
N SER A 126 7.53 1.94 -6.08
CA SER A 126 7.72 2.13 -4.64
C SER A 126 6.58 1.53 -3.79
N THR A 127 5.54 0.98 -4.40
CA THR A 127 4.49 0.35 -3.64
C THR A 127 4.74 -1.15 -3.51
N GLY A 128 4.05 -1.79 -2.56
CA GLY A 128 4.26 -3.20 -2.27
C GLY A 128 3.23 -4.10 -2.91
N LEU A 129 3.58 -5.37 -3.03
CA LEU A 129 2.68 -6.35 -3.64
C LEU A 129 3.03 -7.72 -3.05
N SER A 130 2.18 -8.22 -2.15
N SER A 130 2.20 -8.23 -2.14
CA SER A 130 2.43 -9.46 -1.43
CA SER A 130 2.52 -9.45 -1.38
C SER A 130 2.46 -10.66 -2.36
C SER A 130 2.31 -10.73 -2.18
N VAL A 131 3.19 -11.70 -1.96
CA VAL A 131 3.12 -13.00 -2.64
C VAL A 131 2.18 -13.96 -1.89
N ARG A 132 1.85 -13.58 -0.66
CA ARG A 132 1.15 -14.50 0.24
C ARG A 132 -0.35 -14.56 -0.06
N GLU A 133 -0.85 -13.60 -0.82
CA GLU A 133 -2.24 -13.67 -1.28
C GLU A 133 -2.41 -12.87 -2.54
N LEU A 134 -3.48 -13.13 -3.29
CA LEU A 134 -3.74 -12.37 -4.52
C LEU A 134 -4.03 -10.91 -4.15
N PRO A 135 -3.78 -9.97 -5.08
CA PRO A 135 -3.30 -10.25 -6.44
C PRO A 135 -1.79 -10.41 -6.51
N LEU A 136 -1.33 -11.05 -7.58
CA LEU A 136 0.07 -11.11 -7.92
C LEU A 136 0.40 -10.21 -9.12
N LEU A 137 -0.63 -9.54 -9.67
CA LEU A 137 -0.46 -8.63 -10.79
C LEU A 137 -1.42 -7.48 -10.54
N ARG A 138 -0.93 -6.25 -10.60
CA ARG A 138 -1.80 -5.08 -10.60
C ARG A 138 -1.51 -4.19 -11.79
N ALA A 139 -2.46 -3.32 -12.10
CA ALA A 139 -2.30 -2.38 -13.20
C ALA A 139 -2.77 -1.00 -12.81
N VAL A 140 -2.02 -0.02 -13.27
CA VAL A 140 -2.36 1.37 -13.09
C VAL A 140 -2.30 2.02 -14.49
N LEU A 141 -3.42 2.61 -14.91
CA LEU A 141 -3.49 3.32 -16.18
C LEU A 141 -3.48 4.83 -15.95
N GLY A 142 -2.42 5.50 -16.43
CA GLY A 142 -2.36 6.95 -16.38
C GLY A 142 -2.75 7.56 -17.71
N ARG A 143 -3.88 8.26 -17.77
CA ARG A 143 -4.34 8.81 -19.07
C ARG A 143 -4.01 10.25 -19.17
N PHE A 144 -3.46 10.65 -20.30
CA PHE A 144 -3.28 12.07 -20.59
C PHE A 144 -4.52 12.70 -21.20
N ASP A 145 -5.09 12.01 -22.16
CA ASP A 145 -6.28 12.49 -22.87
C ASP A 145 -6.94 11.24 -23.45
N GLN A 146 -7.93 11.41 -24.30
CA GLN A 146 -8.78 10.28 -24.70
C GLN A 146 -8.04 9.30 -25.63
N LYS A 147 -6.84 9.67 -26.08
CA LYS A 147 -6.11 8.80 -27.01
C LYS A 147 -4.64 8.58 -26.67
N ASP A 148 -4.18 9.13 -25.54
CA ASP A 148 -2.80 8.88 -25.08
C ASP A 148 -2.75 8.50 -23.60
N ALA A 149 -1.99 7.45 -23.24
CA ALA A 149 -1.93 6.97 -21.85
C ALA A 149 -0.65 6.18 -21.64
N VAL A 150 -0.34 5.98 -20.36
CA VAL A 150 0.73 5.09 -19.94
C VAL A 150 0.12 3.98 -19.07
N LEU A 151 0.36 2.72 -19.44
CA LEU A 151 -0.12 1.59 -18.67
C LEU A 151 1.05 1.01 -17.87
N VAL A 152 0.92 0.97 -16.55
CA VAL A 152 1.94 0.37 -15.68
C VAL A 152 1.46 -0.95 -15.11
N LEU A 153 2.23 -2.00 -15.34
CA LEU A 153 1.99 -3.26 -14.71
C LEU A 153 3.04 -3.58 -13.64
N ILE A 154 2.58 -4.21 -12.58
CA ILE A 154 3.45 -4.68 -11.53
C ILE A 154 3.06 -6.09 -11.15
N ALA A 155 4.07 -6.92 -11.00
CA ALA A 155 3.87 -8.33 -10.70
C ALA A 155 4.94 -8.80 -9.75
N HIS A 156 4.58 -9.74 -8.91
CA HIS A 156 5.56 -10.29 -8.00
C HIS A 156 6.60 -11.05 -8.79
N HIS A 157 7.86 -10.86 -8.42
CA HIS A 157 8.97 -11.33 -9.24
C HIS A 157 9.26 -12.82 -9.02
N THR A 158 8.58 -13.44 -8.04
CA THR A 158 8.53 -14.91 -7.97
C THR A 158 7.60 -15.49 -9.04
N ALA A 159 6.73 -14.64 -9.59
CA ALA A 159 5.69 -15.06 -10.51
C ALA A 159 6.01 -14.71 -11.98
N ALA A 160 6.89 -13.74 -12.21
CA ALA A 160 7.15 -13.23 -13.56
C ALA A 160 8.53 -12.64 -13.65
N ASP A 161 9.22 -12.95 -14.73
CA ASP A 161 10.44 -12.26 -15.13
C ASP A 161 10.18 -11.29 -16.31
N ALA A 162 11.24 -10.68 -16.85
CA ALA A 162 11.07 -9.67 -17.91
C ALA A 162 10.35 -10.24 -19.11
N TRP A 163 10.71 -11.44 -19.51
CA TRP A 163 10.08 -12.08 -20.69
C TRP A 163 8.60 -12.29 -20.41
N ALA A 164 8.29 -12.72 -19.19
CA ALA A 164 6.89 -12.91 -18.80
C ALA A 164 6.09 -11.62 -18.87
N HIS A 166 6.56 -9.10 -20.89
CA HIS A 166 6.29 -8.87 -22.33
C HIS A 166 5.08 -9.72 -22.74
N VAL A 167 5.05 -11.00 -22.34
CA VAL A 167 3.92 -11.89 -22.65
C VAL A 167 2.60 -11.38 -22.03
N ILE A 168 2.64 -10.89 -20.79
CA ILE A 168 1.44 -10.43 -20.10
C ILE A 168 0.80 -9.25 -20.84
N ALA A 169 1.66 -8.34 -21.29
CA ALA A 169 1.22 -7.13 -21.97
C ALA A 169 0.61 -7.53 -23.31
N ARG A 170 1.25 -8.47 -24.00
CA ARG A 170 0.76 -8.88 -25.32
C ARG A 170 -0.58 -9.55 -25.19
N ASP A 171 -0.66 -10.49 -24.26
CA ASP A 171 -1.89 -11.21 -24.03
C ASP A 171 -3.01 -10.24 -23.62
N LEU A 172 -2.69 -9.31 -22.72
CA LEU A 172 -3.68 -8.38 -22.19
C LEU A 172 -4.32 -7.54 -23.28
N LEU A 173 -3.47 -6.95 -24.12
CA LEU A 173 -3.98 -6.06 -25.16
C LEU A 173 -4.67 -6.84 -26.28
N ASN A 174 -4.27 -8.08 -26.49
CA ASN A 174 -4.97 -8.96 -27.45
C ASN A 174 -6.35 -9.34 -26.93
N LEU A 175 -6.43 -9.77 -25.66
CA LEU A 175 -7.72 -10.15 -25.08
C LEU A 175 -8.66 -8.92 -25.01
N TYR A 176 -8.10 -7.75 -24.72
CA TYR A 176 -8.86 -6.50 -24.73
C TYR A 176 -9.44 -6.24 -26.13
N ALA A 177 -8.58 -6.29 -27.15
CA ALA A 177 -9.04 -6.06 -28.51
C ALA A 177 -10.13 -7.04 -28.86
N ALA A 178 -9.97 -8.31 -28.51
CA ALA A 178 -11.02 -9.27 -28.91
C ALA A 178 -12.36 -8.90 -28.24
N ARG A 179 -12.32 -8.51 -26.96
CA ARG A 179 -13.54 -8.10 -26.25
C ARG A 179 -14.19 -6.91 -26.91
N ARG A 180 -13.37 -5.99 -27.43
CA ARG A 180 -13.86 -4.83 -28.14
C ARG A 180 -14.38 -5.20 -29.52
N GLY A 181 -14.10 -6.41 -29.99
CA GLY A 181 -14.52 -6.80 -31.33
C GLY A 181 -13.64 -6.28 -32.46
N ASN A 182 -12.36 -6.10 -32.15
CA ASN A 182 -11.39 -5.60 -33.10
C ASN A 182 -10.53 -6.76 -33.54
N PRO A 183 -9.98 -6.68 -34.74
CA PRO A 183 -9.25 -7.83 -35.28
C PRO A 183 -7.89 -8.03 -34.63
N VAL A 184 -7.68 -9.27 -34.19
CA VAL A 184 -6.42 -9.73 -33.59
C VAL A 184 -6.33 -11.20 -33.92
N PRO A 185 -5.11 -11.72 -34.04
CA PRO A 185 -4.96 -13.16 -34.21
C PRO A 185 -5.24 -13.92 -32.93
N PRO A 186 -5.53 -15.23 -33.04
CA PRO A 186 -5.71 -15.99 -31.80
C PRO A 186 -4.42 -16.07 -31.01
N LEU A 187 -4.54 -16.16 -29.69
CA LEU A 187 -3.40 -16.41 -28.84
C LEU A 187 -3.14 -17.90 -28.86
N PRO A 188 -1.85 -18.30 -28.88
CA PRO A 188 -1.58 -19.73 -28.70
C PRO A 188 -1.98 -20.21 -27.29
N GLU A 189 -2.29 -21.48 -27.14
CA GLU A 189 -2.56 -22.04 -25.82
C GLU A 189 -1.24 -22.05 -25.03
N PRO A 190 -1.23 -21.45 -23.83
CA PRO A 190 0.07 -21.42 -23.18
C PRO A 190 0.33 -22.65 -22.33
N ALA A 191 1.59 -22.98 -22.21
CA ALA A 191 2.00 -23.96 -21.22
C ALA A 191 1.99 -23.22 -19.87
N GLN A 192 1.54 -23.90 -18.82
CA GLN A 192 1.56 -23.30 -17.49
C GLN A 192 2.92 -23.49 -16.79
N HIS A 193 3.24 -22.61 -15.87
CA HIS A 193 4.52 -22.71 -15.19
C HIS A 193 4.69 -24.06 -14.47
N ALA A 194 3.61 -24.67 -14.00
CA ALA A 194 3.70 -25.92 -13.29
C ALA A 194 4.24 -26.98 -14.24
N GLU A 195 3.87 -26.88 -15.49
N GLU A 195 3.88 -26.90 -15.51
CA GLU A 195 4.37 -27.84 -16.47
CA GLU A 195 4.40 -27.87 -16.47
C GLU A 195 5.89 -27.70 -16.60
C GLU A 195 5.92 -27.71 -16.55
N PHE A 196 6.38 -26.46 -16.56
CA PHE A 196 7.82 -26.21 -16.62
C PHE A 196 8.53 -26.74 -15.36
N ALA A 197 7.92 -26.51 -14.21
CA ALA A 197 8.50 -27.00 -12.98
C ALA A 197 8.69 -28.51 -13.07
N ARG A 198 7.75 -29.21 -13.71
N ARG A 198 7.73 -29.19 -13.70
CA ARG A 198 7.88 -30.66 -13.86
CA ARG A 198 7.84 -30.64 -13.91
C ARG A 198 8.94 -31.01 -14.90
C ARG A 198 8.97 -30.98 -14.88
N TRP A 199 8.94 -30.29 -16.02
CA TRP A 199 9.86 -30.59 -17.09
C TRP A 199 11.31 -30.37 -16.59
N GLU A 200 11.54 -29.32 -15.82
CA GLU A 200 12.95 -29.02 -15.46
C GLU A 200 13.50 -30.10 -14.51
N ARG A 201 12.64 -30.70 -13.71
CA ARG A 201 13.08 -31.76 -12.82
C ARG A 201 13.32 -33.07 -13.60
N GLU A 202 12.60 -33.30 -14.69
CA GLU A 202 12.89 -34.44 -15.56
C GLU A 202 14.23 -34.24 -16.25
N ALA A 203 14.47 -33.01 -16.68
CA ALA A 203 15.69 -32.68 -17.36
C ALA A 203 16.88 -32.84 -16.42
N ALA A 204 16.66 -32.56 -15.15
CA ALA A 204 17.76 -32.63 -14.17
C ALA A 204 18.26 -34.05 -13.96
N GLU A 205 17.50 -35.05 -14.39
CA GLU A 205 17.96 -36.44 -14.26
C GLU A 205 18.64 -36.96 -15.53
N ALA A 206 18.72 -36.12 -16.56
CA ALA A 206 19.30 -36.51 -17.83
C ALA A 206 20.82 -36.79 -17.73
N PRO A 207 21.35 -37.65 -18.62
CA PRO A 207 22.77 -38.03 -18.49
C PRO A 207 23.75 -36.87 -18.63
N ARG A 208 23.43 -35.88 -19.47
CA ARG A 208 24.33 -34.73 -19.65
C ARG A 208 24.58 -33.98 -18.34
N VAL A 209 23.71 -34.19 -17.37
CA VAL A 209 23.78 -33.43 -16.14
C VAL A 209 25.08 -33.78 -15.42
N ALA A 210 25.35 -35.08 -15.33
CA ALA A 210 26.54 -35.55 -14.65
C ALA A 210 27.78 -35.03 -15.36
N VAL A 211 27.76 -35.04 -16.70
CA VAL A 211 28.82 -34.45 -17.51
C VAL A 211 29.00 -32.95 -17.19
N SER A 212 27.90 -32.21 -17.05
CA SER A 212 28.01 -30.78 -16.82
C SER A 212 28.53 -30.50 -15.41
N LYS A 213 28.07 -31.29 -14.44
CA LYS A 213 28.53 -31.16 -13.05
C LYS A 213 30.04 -31.34 -12.99
N GLU A 214 30.55 -32.30 -13.75
CA GLU A 214 32.00 -32.55 -13.75
C GLU A 214 32.70 -31.38 -14.41
N PHE A 215 32.11 -30.82 -15.47
CA PHE A 215 32.67 -29.60 -16.07
C PHE A 215 32.77 -28.45 -15.06
N TRP A 216 31.72 -28.22 -14.29
CA TRP A 216 31.69 -27.07 -13.38
C TRP A 216 32.62 -27.24 -12.17
N ARG A 217 32.69 -28.45 -11.62
CA ARG A 217 33.61 -28.75 -10.53
C ARG A 217 35.02 -28.36 -10.96
N LYS A 218 35.39 -28.74 -12.17
CA LYS A 218 36.73 -28.41 -12.68
C LYS A 218 36.84 -26.93 -12.98
N ARG A 219 35.87 -26.40 -13.72
CA ARG A 219 35.95 -25.01 -14.15
C ARG A 219 35.97 -24.02 -12.99
N LEU A 220 35.22 -24.31 -11.94
CA LEU A 220 35.11 -23.40 -10.81
C LEU A 220 35.94 -23.83 -9.60
N GLN A 221 36.88 -24.73 -9.83
CA GLN A 221 37.82 -25.13 -8.79
C GLN A 221 38.51 -23.91 -8.19
N GLY A 222 38.28 -23.66 -6.90
CA GLY A 222 38.92 -22.56 -6.21
C GLY A 222 38.38 -21.21 -6.60
N ALA A 223 37.29 -21.18 -7.37
CA ALA A 223 36.71 -19.92 -7.75
C ALA A 223 35.88 -19.34 -6.60
N ARG A 224 35.88 -18.01 -6.53
CA ARG A 224 35.04 -17.28 -5.61
C ARG A 224 34.43 -16.14 -6.40
N ILE A 225 33.10 -16.04 -6.41
CA ILE A 225 32.44 -14.88 -6.99
C ILE A 225 33.07 -13.62 -6.40
N ILE A 226 33.34 -12.63 -7.24
CA ILE A 226 34.00 -11.42 -6.79
C ILE A 226 33.02 -10.58 -5.96
N GLY A 227 33.49 -10.14 -4.80
CA GLY A 227 32.73 -9.27 -3.92
C GLY A 227 33.06 -7.80 -4.06
N LEU A 228 32.03 -6.95 -3.93
CA LEU A 228 32.22 -5.50 -3.84
C LEU A 228 32.21 -5.04 -2.39
N GLU A 229 33.18 -4.23 -2.00
CA GLU A 229 33.24 -3.80 -0.62
C GLU A 229 32.11 -2.82 -0.39
N THR A 230 31.34 -3.06 0.66
CA THR A 230 30.21 -2.22 0.97
C THR A 230 30.61 -1.05 1.84
N ASP A 231 29.79 -0.01 1.82
CA ASP A 231 30.00 1.18 2.66
C ASP A 231 29.52 0.94 4.07
N ILE A 232 28.49 0.11 4.22
CA ILE A 232 27.89 -0.14 5.51
C ILE A 232 27.88 -1.65 5.71
N PRO A 233 28.40 -2.12 6.85
CA PRO A 233 28.44 -3.57 7.05
C PRO A 233 27.09 -4.19 7.33
N ARG A 234 27.01 -5.45 6.95
CA ARG A 234 25.88 -6.29 7.22
C ARG A 234 25.48 -6.19 8.68
N SER A 235 26.45 -6.26 9.59
CA SER A 235 26.18 -6.23 11.04
C SER A 235 25.59 -4.90 11.56
N ALA A 236 25.63 -3.82 10.78
CA ALA A 236 25.01 -2.59 11.25
C ALA A 236 23.48 -2.77 11.31
N GLY A 237 22.97 -3.75 10.59
CA GLY A 237 21.54 -4.04 10.68
C GLY A 237 20.57 -2.93 10.27
N LEU A 238 20.97 -2.08 9.31
CA LEU A 238 20.06 -1.06 8.81
C LEU A 238 18.89 -1.73 8.10
N PRO A 239 17.74 -1.05 8.07
CA PRO A 239 16.57 -1.58 7.35
C PRO A 239 16.82 -1.81 5.87
N LYS A 240 16.30 -2.93 5.37
CA LYS A 240 16.40 -3.29 3.97
C LYS A 240 15.74 -2.27 3.04
N GLY A 241 16.45 -1.92 1.99
CA GLY A 241 15.88 -1.15 0.91
C GLY A 241 16.75 -1.31 -0.32
N THR A 242 16.17 -1.11 -1.49
CA THR A 242 16.93 -1.14 -2.73
C THR A 242 16.66 0.13 -3.53
N ALA A 243 17.74 0.77 -3.95
CA ALA A 243 17.66 1.95 -4.78
C ALA A 243 18.18 1.58 -6.16
N TRP A 244 17.80 2.38 -7.14
CA TRP A 244 18.12 2.13 -8.52
C TRP A 244 18.59 3.42 -9.16
N GLN A 245 19.70 3.35 -9.90
CA GLN A 245 20.15 4.47 -10.73
C GLN A 245 20.04 4.05 -12.17
N ARG A 246 19.42 4.91 -12.97
CA ARG A 246 19.10 4.60 -14.37
C ARG A 246 20.11 5.24 -15.25
N PHE A 247 20.45 4.61 -16.36
CA PHE A 247 21.35 5.21 -17.32
C PHE A 247 21.03 4.70 -18.72
N ALA A 248 21.63 5.36 -19.70
CA ALA A 248 21.40 5.03 -21.11
C ALA A 248 22.72 5.14 -21.83
N VAL A 249 22.97 4.22 -22.72
CA VAL A 249 24.17 4.32 -23.49
C VAL A 249 23.83 5.20 -24.69
N ARG A 250 24.38 6.41 -24.64
CA ARG A 250 24.35 7.42 -25.69
C ARG A 250 24.51 6.88 -27.11
N GLY A 251 23.75 7.45 -28.05
CA GLY A 251 23.78 7.03 -29.44
C GLY A 251 25.18 6.79 -29.99
N GLU A 252 26.03 7.81 -29.94
CA GLU A 252 27.45 7.68 -30.35
C GLU A 252 28.12 6.42 -29.72
N LEU A 253 28.11 6.34 -28.40
CA LEU A 253 28.69 5.18 -27.71
C LEU A 253 27.99 3.88 -28.06
N ALA A 254 26.65 3.91 -28.11
CA ALA A 254 25.86 2.75 -28.47
C ALA A 254 26.29 2.24 -29.86
N ASP A 255 26.38 3.15 -30.80
CA ASP A 255 26.75 2.79 -32.16
C ASP A 255 28.15 2.17 -32.20
N ALA A 256 29.08 2.72 -31.40
CA ALA A 256 30.44 2.17 -31.35
C ALA A 256 30.44 0.76 -30.76
N VAL A 257 29.60 0.52 -29.77
CA VAL A 257 29.54 -0.79 -29.13
C VAL A 257 29.00 -1.81 -30.14
N VAL A 258 27.91 -1.46 -30.81
CA VAL A 258 27.30 -2.35 -31.81
C VAL A 258 28.25 -2.68 -32.96
N GLU A 259 28.95 -1.66 -33.47
CA GLU A 259 29.90 -1.84 -34.58
C GLU A 259 31.11 -2.68 -34.15
N PHE A 260 31.62 -2.43 -32.96
CA PHE A 260 32.75 -3.20 -32.45
C PHE A 260 32.36 -4.67 -32.37
N SER A 261 31.20 -4.90 -31.79
CA SER A 261 30.72 -6.24 -31.50
C SER A 261 30.48 -7.02 -32.79
N ARG A 262 29.74 -6.40 -33.70
CA ARG A 262 29.51 -6.95 -35.04
C ARG A 262 30.83 -7.41 -35.67
N ALA A 263 31.80 -6.52 -35.70
CA ALA A 263 33.07 -6.81 -36.36
C ALA A 263 33.85 -7.89 -35.63
N ALA A 264 33.76 -7.92 -34.30
CA ALA A 264 34.42 -8.94 -33.48
C ALA A 264 33.67 -10.28 -33.45
N LYS A 265 32.44 -10.29 -33.98
CA LYS A 265 31.62 -11.48 -33.94
C LYS A 265 31.31 -11.86 -32.49
N CYS A 266 31.09 -10.87 -31.65
N CYS A 266 31.11 -10.85 -31.65
CA CYS A 266 30.55 -11.11 -30.33
CA CYS A 266 30.64 -11.03 -30.28
C CYS A 266 29.24 -10.36 -30.23
C CYS A 266 29.34 -10.24 -30.10
N SER A 267 28.44 -10.69 -29.23
CA SER A 267 27.22 -9.93 -28.98
C SER A 267 27.53 -8.62 -28.23
N PRO A 268 26.66 -7.60 -28.36
CA PRO A 268 26.86 -6.38 -27.57
C PRO A 268 26.89 -6.65 -26.07
N PHE A 269 26.20 -7.69 -25.62
CA PHE A 269 26.25 -7.99 -24.22
C PHE A 269 27.62 -8.47 -23.77
N THR A 271 30.48 -7.72 -25.05
CA THR A 271 31.30 -6.50 -24.97
C THR A 271 31.08 -5.72 -23.67
N PHE A 273 29.78 -6.83 -20.87
CA PHE A 273 30.24 -7.68 -19.77
C PHE A 273 31.77 -7.64 -19.67
N ALA A 274 32.46 -7.80 -20.80
CA ALA A 274 33.93 -7.63 -20.82
C ALA A 274 34.37 -6.33 -20.18
N ALA A 275 33.71 -5.23 -20.54
CA ALA A 275 34.07 -3.93 -19.96
C ALA A 275 33.86 -3.95 -18.45
N TYR A 276 32.85 -4.67 -17.98
CA TYR A 276 32.62 -4.78 -16.52
C TYR A 276 33.78 -5.51 -15.85
N GLN A 277 34.27 -6.54 -16.52
CA GLN A 277 35.41 -7.28 -15.99
C GLN A 277 36.63 -6.41 -15.91
N VAL A 278 36.84 -5.60 -16.95
CA VAL A 278 37.95 -4.66 -16.95
C VAL A 278 37.79 -3.70 -15.77
N LEU A 279 36.58 -3.20 -15.57
CA LEU A 279 36.32 -2.30 -14.45
C LEU A 279 36.63 -2.97 -13.10
N LEU A 280 36.17 -4.19 -12.89
CA LEU A 280 36.45 -4.88 -11.64
C LEU A 280 37.93 -5.19 -11.45
N HIS A 281 38.64 -5.52 -12.53
CA HIS A 281 40.07 -5.67 -12.43
C HIS A 281 40.70 -4.38 -11.95
N ARG A 282 40.31 -3.26 -12.56
CA ARG A 282 40.85 -1.98 -12.14
C ARG A 282 40.44 -1.62 -10.69
N ARG A 283 39.24 -2.00 -10.29
CA ARG A 283 38.77 -1.68 -8.94
C ARG A 283 39.38 -2.59 -7.85
N THR A 284 39.58 -3.87 -8.14
CA THR A 284 39.92 -4.85 -7.10
C THR A 284 41.33 -5.42 -7.22
N GLY A 285 41.97 -5.20 -8.36
CA GLY A 285 43.25 -5.83 -8.66
C GLY A 285 43.16 -7.25 -9.22
N GLU A 286 42.02 -7.93 -9.05
CA GLU A 286 41.92 -9.32 -9.48
C GLU A 286 42.04 -9.53 -11.00
N LEU A 287 42.57 -10.68 -11.41
CA LEU A 287 42.68 -11.10 -12.80
C LEU A 287 41.84 -12.35 -13.07
N ASP A 288 41.70 -13.20 -12.04
CA ASP A 288 40.82 -14.35 -12.07
C ASP A 288 39.46 -13.86 -11.58
N ILE A 289 38.53 -13.69 -12.53
CA ILE A 289 37.31 -12.96 -12.26
C ILE A 289 36.08 -13.81 -12.48
N THR A 290 35.33 -14.04 -11.41
CA THR A 290 34.07 -14.74 -11.53
C THR A 290 32.91 -13.82 -11.17
N VAL A 291 32.03 -13.61 -12.13
CA VAL A 291 30.86 -12.72 -11.99
C VAL A 291 29.65 -13.46 -12.54
N PRO A 292 28.56 -13.51 -11.76
CA PRO A 292 27.38 -14.19 -12.26
C PRO A 292 26.56 -13.29 -13.18
N THR A 293 25.88 -13.93 -14.11
CA THR A 293 24.85 -13.28 -14.88
C THR A 293 23.57 -14.02 -14.55
N PHE A 294 22.45 -13.55 -15.10
CA PHE A 294 21.22 -14.36 -15.13
C PHE A 294 20.98 -14.73 -16.58
N SER A 295 20.88 -16.02 -16.84
CA SER A 295 20.48 -16.42 -18.18
C SER A 295 18.96 -16.25 -18.30
N GLY A 296 18.43 -16.32 -19.52
CA GLY A 296 16.99 -16.22 -19.70
C GLY A 296 16.24 -17.45 -19.17
N GLY A 297 16.86 -18.63 -19.23
CA GLY A 297 16.27 -19.85 -18.68
C GLY A 297 15.14 -20.42 -19.55
N ARG A 298 15.02 -19.89 -20.76
CA ARG A 298 13.95 -20.27 -21.72
C ARG A 298 14.48 -20.89 -23.01
N ASN A 299 15.42 -21.81 -22.86
CA ASN A 299 15.94 -22.57 -23.99
C ASN A 299 14.84 -23.41 -24.64
N ASN A 300 13.93 -23.93 -23.82
CA ASN A 300 12.88 -24.83 -24.31
C ASN A 300 11.69 -24.03 -24.84
N SER A 301 11.54 -23.99 -26.16
CA SER A 301 10.55 -23.12 -26.81
C SER A 301 9.09 -23.48 -26.51
N ARG A 302 8.84 -24.69 -26.00
CA ARG A 302 7.51 -25.02 -25.46
C ARG A 302 7.01 -23.92 -24.48
N PHE A 303 7.92 -23.23 -23.80
CA PHE A 303 7.51 -22.32 -22.73
C PHE A 303 7.59 -20.81 -23.08
N GLU A 304 7.63 -20.48 -24.37
CA GLU A 304 7.82 -19.08 -24.79
C GLU A 304 6.59 -18.20 -24.55
N ASP A 305 5.41 -18.79 -24.47
CA ASP A 305 4.20 -18.06 -24.11
C ASP A 305 3.85 -18.21 -22.62
N THR A 306 4.79 -18.73 -21.83
CA THR A 306 4.52 -19.10 -20.43
C THR A 306 4.92 -18.00 -19.46
N VAL A 307 3.97 -17.63 -18.59
CA VAL A 307 4.25 -16.70 -17.49
C VAL A 307 4.81 -17.45 -16.30
N GLY A 308 5.96 -16.94 -15.85
CA GLY A 308 6.68 -17.47 -14.73
C GLY A 308 8.04 -16.78 -14.63
N SER A 309 8.82 -17.10 -13.62
CA SER A 309 10.19 -16.59 -13.53
C SER A 309 11.19 -17.71 -13.80
N PHE A 310 11.77 -17.65 -14.99
CA PHE A 310 12.63 -18.69 -15.54
C PHE A 310 14.11 -18.42 -15.36
N ILE A 311 14.48 -17.21 -14.96
CA ILE A 311 15.87 -16.79 -15.09
C ILE A 311 16.76 -17.65 -14.18
N ASN A 312 18.03 -17.77 -14.54
CA ASN A 312 18.94 -18.69 -13.84
C ASN A 312 20.32 -18.05 -13.60
N PHE A 313 20.69 -18.02 -12.34
CA PHE A 313 21.98 -17.51 -11.87
C PHE A 313 23.10 -18.36 -12.46
N LEU A 314 24.01 -17.74 -13.21
CA LEU A 314 24.95 -18.47 -14.05
C LEU A 314 26.36 -17.89 -13.89
N PRO A 315 27.26 -18.63 -13.23
CA PRO A 315 28.56 -18.00 -12.97
C PRO A 315 29.50 -18.04 -14.17
N LEU A 316 30.11 -16.89 -14.46
CA LEU A 316 31.00 -16.71 -15.60
C LEU A 316 32.40 -16.43 -15.07
N ARG A 317 33.30 -17.39 -15.24
CA ARG A 317 34.68 -17.24 -14.77
C ARG A 317 35.62 -17.05 -15.92
N THR A 318 36.35 -15.92 -15.92
CA THR A 318 37.32 -15.63 -16.97
C THR A 318 38.65 -15.21 -16.37
N ASP A 319 39.71 -15.69 -16.99
CA ASP A 319 41.08 -15.36 -16.59
C ASP A 319 41.62 -14.30 -17.49
N LEU A 320 41.84 -13.12 -16.93
CA LEU A 320 42.26 -11.94 -17.67
C LEU A 320 43.77 -11.80 -17.67
N SER A 321 44.46 -12.73 -17.01
CA SER A 321 45.91 -12.60 -16.92
C SER A 321 46.55 -12.83 -18.28
N GLY A 322 47.46 -11.92 -18.64
CA GLY A 322 48.18 -12.02 -19.88
C GLY A 322 47.46 -11.41 -21.06
N CYS A 323 46.25 -10.90 -20.85
CA CYS A 323 45.51 -10.11 -21.85
C CYS A 323 46.29 -8.89 -22.34
N ALA A 324 46.34 -8.72 -23.65
CA ALA A 324 47.11 -7.63 -24.24
C ALA A 324 46.19 -6.49 -24.68
N SER A 325 44.89 -6.73 -24.71
CA SER A 325 43.99 -5.72 -25.23
C SER A 325 42.58 -5.97 -24.75
N PHE A 326 41.75 -4.95 -24.86
CA PHE A 326 40.34 -5.16 -24.59
C PHE A 326 39.80 -6.25 -25.52
N ARG A 327 40.22 -6.25 -26.78
CA ARG A 327 39.70 -7.24 -27.71
C ARG A 327 39.90 -8.65 -27.19
N GLU A 328 41.05 -8.90 -26.58
CA GLU A 328 41.31 -10.23 -26.03
C GLU A 328 40.41 -10.52 -24.82
N VAL A 329 40.09 -9.50 -24.02
CA VAL A 329 39.13 -9.73 -22.92
C VAL A 329 37.78 -10.19 -23.49
N VAL A 330 37.33 -9.53 -24.55
CA VAL A 330 36.03 -9.85 -25.14
C VAL A 330 36.05 -11.27 -25.69
N LEU A 331 37.15 -11.64 -26.35
CA LEU A 331 37.23 -12.97 -26.94
C LEU A 331 37.22 -14.07 -25.86
N ARG A 332 37.93 -13.84 -24.76
CA ARG A 332 37.90 -14.78 -23.63
C ARG A 332 36.50 -14.85 -23.03
N THR A 333 35.84 -13.70 -22.98
CA THR A 333 34.49 -13.65 -22.46
C THR A 333 33.60 -14.51 -23.33
N ARG A 334 33.80 -14.43 -24.65
CA ARG A 334 32.97 -15.19 -25.59
C ARG A 334 33.15 -16.68 -25.34
N THR A 335 34.40 -17.10 -25.16
CA THR A 335 34.66 -18.48 -24.83
C THR A 335 33.95 -18.91 -23.53
N THR A 336 34.10 -18.12 -22.48
CA THR A 336 33.48 -18.40 -21.16
C THR A 336 31.96 -18.53 -21.30
N GLY A 338 30.22 -19.15 -23.99
CA GLY A 338 29.92 -20.31 -24.80
C GLY A 338 29.84 -21.60 -24.01
N GLU A 339 30.87 -21.86 -23.20
CA GLU A 339 30.85 -23.12 -22.43
C GLU A 339 29.86 -23.04 -21.26
N ALA A 340 29.56 -21.84 -20.76
CA ALA A 340 28.64 -21.71 -19.63
C ALA A 340 27.23 -22.11 -20.07
N PHE A 341 26.81 -21.63 -21.23
CA PHE A 341 25.50 -21.95 -21.73
C PHE A 341 25.44 -23.42 -22.16
N THR A 342 26.53 -23.95 -22.73
CA THR A 342 26.53 -25.37 -23.11
C THR A 342 26.27 -26.26 -21.91
N HIS A 343 26.88 -25.89 -20.79
CA HIS A 343 26.80 -26.74 -19.60
C HIS A 343 25.87 -26.18 -18.56
N GLU A 344 24.97 -25.30 -18.98
CA GLU A 344 24.17 -24.59 -18.00
C GLU A 344 23.40 -25.55 -17.09
N LEU A 345 23.42 -25.23 -15.80
CA LEU A 345 22.61 -25.94 -14.82
C LEU A 345 21.82 -25.02 -13.91
N PRO A 346 20.65 -25.47 -13.44
CA PRO A 346 19.97 -24.69 -12.41
C PRO A 346 20.89 -24.49 -11.22
N PHE A 347 21.08 -23.23 -10.83
CA PHE A 347 22.10 -22.90 -9.85
C PHE A 347 21.92 -23.65 -8.51
N SER A 348 20.68 -23.87 -8.08
CA SER A 348 20.44 -24.53 -6.79
C SER A 348 20.97 -25.97 -6.82
N ARG A 349 21.08 -26.56 -8.00
CA ARG A 349 21.71 -27.87 -8.17
C ARG A 349 23.23 -27.82 -8.40
N LEU A 350 23.71 -26.71 -8.92
CA LEU A 350 25.13 -26.55 -9.17
C LEU A 350 25.88 -26.22 -7.88
N ILE A 351 25.34 -25.33 -7.06
CA ILE A 351 26.14 -24.75 -5.98
C ILE A 351 26.61 -25.79 -4.95
N PRO A 352 25.82 -26.85 -4.68
CA PRO A 352 26.36 -27.82 -3.72
C PRO A 352 27.63 -28.51 -4.23
N GLU A 353 27.84 -28.49 -5.55
CA GLU A 353 29.04 -29.06 -6.16
C GLU A 353 30.26 -28.17 -5.99
N VAL A 354 30.02 -26.88 -5.82
CA VAL A 354 31.07 -25.89 -5.65
C VAL A 354 30.70 -25.00 -4.44
N PRO A 355 30.69 -25.60 -3.24
CA PRO A 355 29.99 -24.98 -2.10
C PRO A 355 30.63 -23.73 -1.50
N GLU A 356 31.84 -23.34 -1.93
CA GLU A 356 32.46 -22.12 -1.39
C GLU A 356 32.37 -20.94 -2.38
N LEU A 357 31.77 -21.17 -3.54
CA LEU A 357 31.67 -20.16 -4.59
C LEU A 357 31.17 -18.80 -4.07
N ALA A 359 31.30 -17.50 -0.94
CA ALA A 359 31.78 -17.11 0.40
C ALA A 359 31.97 -15.59 0.63
N SER A 360 31.70 -14.78 -0.40
N SER A 360 31.71 -14.76 -0.39
CA SER A 360 31.70 -13.31 -0.28
CA SER A 360 31.71 -13.30 -0.20
C SER A 360 30.31 -12.69 -0.54
C SER A 360 30.29 -12.70 -0.03
N ALA A 361 29.28 -13.50 -0.32
CA ALA A 361 27.92 -13.03 -0.41
C ALA A 361 27.50 -12.49 0.91
N ALA A 362 27.91 -13.22 1.96
CA ALA A 362 27.30 -13.04 3.28
C ALA A 362 28.32 -12.35 4.17
N SER A 363 29.40 -11.91 3.54
CA SER A 363 30.45 -11.38 4.37
C SER A 363 29.97 -10.03 4.87
N ASP A 364 30.58 -9.60 5.98
CA ASP A 364 30.09 -8.47 6.72
C ASP A 364 30.37 -7.20 5.93
N ASN A 365 31.42 -7.24 5.12
CA ASN A 365 31.90 -6.05 4.44
C ASN A 365 31.87 -6.16 2.92
N HIS A 366 31.29 -7.23 2.39
CA HIS A 366 31.14 -7.31 0.93
C HIS A 366 29.78 -7.83 0.49
N GLN A 367 29.43 -7.55 -0.76
CA GLN A 367 28.32 -8.21 -1.43
C GLN A 367 28.67 -8.63 -2.84
N ILE A 368 27.96 -9.59 -3.35
CA ILE A 368 28.20 -9.97 -4.72
C ILE A 368 27.39 -9.09 -5.66
N SER A 369 27.92 -8.93 -6.86
CA SER A 369 27.23 -8.24 -7.92
C SER A 369 26.94 -9.20 -9.07
N VAL A 370 25.86 -8.88 -9.77
CA VAL A 370 25.40 -9.60 -10.92
C VAL A 370 25.35 -8.63 -12.12
N PHE A 371 25.70 -9.11 -13.29
CA PHE A 371 25.66 -8.29 -14.49
C PHE A 371 24.83 -9.03 -15.53
N GLN A 372 23.64 -8.51 -15.83
CA GLN A 372 22.70 -9.24 -16.68
C GLN A 372 22.19 -8.44 -17.85
N ALA A 373 21.88 -9.16 -18.91
CA ALA A 373 21.10 -8.64 -20.01
C ALA A 373 19.66 -9.04 -19.76
N VAL A 374 18.76 -8.10 -19.91
CA VAL A 374 17.34 -8.39 -19.86
C VAL A 374 16.98 -9.27 -21.04
N HIS A 375 16.26 -10.34 -20.75
CA HIS A 375 15.84 -11.29 -21.77
C HIS A 375 14.34 -11.10 -22.04
N ALA A 376 14.03 -10.64 -23.24
CA ALA A 376 12.66 -10.36 -23.59
C ALA A 376 12.51 -10.54 -25.10
N PRO A 377 11.35 -11.03 -25.56
CA PRO A 377 11.25 -11.25 -27.01
C PRO A 377 11.59 -9.99 -27.82
N ALA A 378 12.09 -10.21 -29.04
CA ALA A 378 12.53 -9.12 -29.91
C ALA A 378 11.36 -8.23 -30.31
N SER A 379 11.58 -6.92 -30.25
CA SER A 379 10.60 -5.94 -30.74
C SER A 379 11.31 -4.72 -31.28
N GLU A 380 10.93 -4.31 -32.48
CA GLU A 380 11.46 -3.08 -33.03
C GLU A 380 10.31 -2.19 -33.42
N GLY A 381 10.09 -1.19 -32.58
CA GLY A 381 9.06 -0.22 -32.81
C GLY A 381 7.79 -0.46 -32.02
N PRO A 382 6.78 0.34 -32.32
CA PRO A 382 5.47 0.13 -31.71
C PRO A 382 4.79 -1.12 -32.24
N GLU A 383 4.03 -1.78 -31.37
CA GLU A 383 3.23 -2.95 -31.74
C GLU A 383 1.75 -2.56 -31.75
N GLN A 384 0.90 -3.39 -32.35
CA GLN A 384 -0.50 -3.08 -32.43
C GLN A 384 -1.36 -4.27 -32.04
N ALA A 385 -2.41 -3.98 -31.26
CA ALA A 385 -3.44 -4.96 -30.95
C ALA A 385 -4.78 -4.29 -31.21
N GLY A 386 -5.42 -4.71 -32.30
CA GLY A 386 -6.67 -4.11 -32.69
C GLY A 386 -6.51 -2.64 -32.99
N ASP A 387 -7.24 -1.79 -32.26
CA ASP A 387 -7.16 -0.36 -32.47
C ASP A 387 -6.19 0.32 -31.49
N LEU A 388 -5.48 -0.46 -30.67
CA LEU A 388 -4.45 0.09 -29.78
C LEU A 388 -3.02 -0.21 -30.27
N THR A 389 -2.21 0.85 -30.33
CA THR A 389 -0.76 0.75 -30.49
C THR A 389 -0.08 0.83 -29.10
N TYR A 390 0.91 -0.01 -28.85
CA TYR A 390 1.58 -0.03 -27.56
C TYR A 390 3.08 -0.20 -27.77
N SER A 391 3.83 0.52 -26.95
CA SER A 391 5.27 0.63 -27.08
C SER A 391 5.87 0.57 -25.68
N LYS A 392 6.74 -0.39 -25.44
CA LYS A 392 7.39 -0.54 -24.14
C LYS A 392 8.22 0.71 -23.85
N ILE A 393 8.14 1.22 -22.62
CA ILE A 393 8.95 2.37 -22.21
C ILE A 393 10.22 1.78 -21.55
N TRP A 394 11.32 1.81 -22.29
CA TRP A 394 12.60 1.24 -21.84
C TRP A 394 13.50 2.30 -21.26
N GLU A 395 13.49 3.47 -21.88
CA GLU A 395 14.36 4.57 -21.47
C GLU A 395 13.82 5.15 -20.17
N ARG A 396 14.59 4.97 -19.12
CA ARG A 396 14.29 5.55 -17.83
C ARG A 396 15.48 6.40 -17.43
N GLN A 397 15.21 7.53 -16.80
CA GLN A 397 16.28 8.44 -16.44
C GLN A 397 16.15 8.77 -14.95
N LEU A 398 14.94 8.59 -14.44
CA LEU A 398 14.60 8.94 -13.08
C LEU A 398 15.05 7.86 -12.14
N SER A 399 15.96 8.19 -11.24
CA SER A 399 16.38 7.24 -10.25
C SER A 399 15.32 7.04 -9.15
N GLN A 400 15.50 5.97 -8.39
CA GLN A 400 14.49 5.48 -7.46
C GLN A 400 15.19 5.23 -6.14
N ALA A 401 14.71 5.91 -5.09
CA ALA A 401 15.32 5.78 -3.78
C ALA A 401 14.95 4.46 -3.09
N GLU A 402 13.77 3.92 -3.40
CA GLU A 402 13.26 2.73 -2.75
C GLU A 402 12.30 1.98 -3.64
N GLY A 403 12.81 0.96 -4.34
CA GLY A 403 12.07 0.30 -5.39
C GLY A 403 12.09 -1.20 -5.31
N SER A 404 12.03 -1.84 -6.47
CA SER A 404 12.03 -3.30 -6.52
C SER A 404 13.23 -3.88 -5.78
N ASP A 405 12.98 -4.90 -4.99
CA ASP A 405 13.97 -5.45 -4.07
C ASP A 405 15.06 -6.27 -4.79
N ILE A 406 16.30 -6.06 -4.40
CA ILE A 406 17.40 -6.98 -4.68
C ILE A 406 17.70 -7.75 -3.39
N PRO A 407 17.47 -9.08 -3.38
CA PRO A 407 17.55 -9.84 -2.13
C PRO A 407 18.82 -9.59 -1.34
N ASP A 408 19.97 -9.61 -2.01
CA ASP A 408 21.25 -9.42 -1.29
C ASP A 408 22.40 -9.26 -2.27
N GLY A 409 22.55 -8.06 -2.80
CA GLY A 409 23.64 -7.77 -3.72
C GLY A 409 23.44 -6.56 -4.59
N VAL A 410 24.30 -6.45 -5.57
CA VAL A 410 24.29 -5.35 -6.54
C VAL A 410 23.85 -5.93 -7.87
N LEU A 411 22.97 -5.26 -8.58
CA LEU A 411 22.51 -5.80 -9.84
C LEU A 411 22.64 -4.76 -10.96
N TRP A 412 23.36 -5.14 -12.02
CA TRP A 412 23.36 -4.36 -13.27
C TRP A 412 22.42 -5.04 -14.23
N SER A 413 21.48 -4.28 -14.77
CA SER A 413 20.44 -4.80 -15.65
C SER A 413 20.44 -3.96 -16.94
N ILE A 414 20.87 -4.56 -18.05
CA ILE A 414 21.02 -3.86 -19.32
C ILE A 414 19.97 -4.32 -20.32
N HIS A 415 19.14 -3.41 -20.85
CA HIS A 415 18.30 -3.75 -21.99
C HIS A 415 18.98 -3.30 -23.28
N ILE A 416 19.16 -4.24 -24.21
CA ILE A 416 19.85 -3.96 -25.46
C ILE A 416 18.81 -3.95 -26.58
N ASP A 417 18.58 -2.78 -27.13
CA ASP A 417 17.54 -2.63 -28.12
C ASP A 417 18.01 -3.11 -29.48
N PRO A 418 17.07 -3.65 -30.29
CA PRO A 418 17.36 -4.01 -31.68
C PRO A 418 17.79 -2.80 -32.50
N SER A 419 17.17 -1.66 -32.23
CA SER A 419 17.46 -0.39 -32.91
C SER A 419 18.93 0.01 -32.77
N GLY A 420 19.59 -0.54 -31.76
CA GLY A 420 20.95 -0.18 -31.45
C GLY A 420 21.12 0.39 -30.06
N SER A 421 20.05 0.91 -29.46
CA SER A 421 20.17 1.64 -28.19
C SER A 421 20.12 0.77 -26.93
N ALA A 423 19.48 0.75 -22.53
CA ALA A 423 18.99 1.36 -21.31
C ALA A 423 19.40 0.48 -20.15
N GLY A 424 19.95 1.09 -19.10
CA GLY A 424 20.44 0.32 -17.98
C GLY A 424 19.94 0.78 -16.63
N SER A 425 20.05 -0.14 -15.68
CA SER A 425 19.80 0.13 -14.27
C SER A 425 20.89 -0.49 -13.41
N LEU A 426 21.27 0.25 -12.38
CA LEU A 426 22.19 -0.20 -11.38
C LEU A 426 21.44 -0.14 -10.06
N GLY A 427 21.19 -1.31 -9.48
CA GLY A 427 20.45 -1.39 -8.24
C GLY A 427 21.36 -1.87 -7.11
N TYR A 428 21.08 -1.39 -5.91
CA TYR A 428 21.90 -1.73 -4.76
C TYR A 428 21.06 -1.56 -3.51
N ASN A 429 21.50 -2.20 -2.44
CA ASN A 429 20.78 -2.14 -1.17
C ASN A 429 21.28 -0.93 -0.38
N THR A 430 20.35 -0.05 -0.02
CA THR A 430 20.68 1.20 0.64
C THR A 430 21.12 0.98 2.09
N ASN A 431 20.86 -0.19 2.63
CA ASN A 431 21.44 -0.58 3.92
C ASN A 431 22.93 -1.00 3.82
N ARG A 432 23.51 -0.96 2.61
CA ARG A 432 24.88 -1.41 2.42
C ARG A 432 25.68 -0.40 1.62
N PHE A 433 25.04 0.31 0.69
CA PHE A 433 25.77 1.27 -0.13
C PHE A 433 25.14 2.63 -0.09
N LYS A 434 26.00 3.64 -0.05
CA LYS A 434 25.61 5.02 -0.30
C LYS A 434 25.43 5.30 -1.79
N ASP A 435 24.53 6.24 -2.10
CA ASP A 435 24.20 6.57 -3.49
C ASP A 435 25.41 7.07 -4.30
N GLU A 436 26.25 7.84 -3.64
CA GLU A 436 27.44 8.44 -4.23
C GLU A 436 28.46 7.38 -4.69
N THR A 437 28.64 6.37 -3.87
CA THR A 437 29.52 5.26 -4.21
C THR A 437 29.06 4.60 -5.50
N ALA A 439 26.99 5.90 -7.75
CA ALA A 439 27.07 6.91 -8.81
C ALA A 439 28.46 6.93 -9.43
N ALA A 440 29.49 6.84 -8.60
CA ALA A 440 30.88 6.83 -9.08
C ALA A 440 31.18 5.51 -9.80
N PHE A 441 30.64 4.42 -9.28
CA PHE A 441 30.83 3.11 -9.87
C PHE A 441 30.27 3.11 -11.30
N LEU A 442 29.05 3.62 -11.47
CA LEU A 442 28.40 3.69 -12.77
C LEU A 442 29.17 4.59 -13.72
N ALA A 443 29.64 5.73 -13.23
CA ALA A 443 30.36 6.65 -14.10
C ALA A 443 31.71 6.06 -14.53
N ASP A 444 32.36 5.30 -13.64
CA ASP A 444 33.59 4.58 -13.97
C ASP A 444 33.36 3.52 -15.04
N TYR A 445 32.24 2.82 -14.93
CA TYR A 445 31.89 1.81 -15.93
C TYR A 445 31.68 2.45 -17.31
N LEU A 446 30.95 3.56 -17.38
CA LEU A 446 30.66 4.14 -18.69
C LEU A 446 31.94 4.65 -19.35
N ASP A 447 32.86 5.13 -18.51
CA ASP A 447 34.16 5.60 -19.00
C ASP A 447 35.02 4.42 -19.49
N VAL A 448 35.06 3.33 -18.73
CA VAL A 448 35.82 2.14 -19.14
C VAL A 448 35.30 1.66 -20.51
N LEU A 449 33.97 1.55 -20.61
CA LEU A 449 33.33 1.05 -21.83
C LEU A 449 33.66 1.95 -23.02
N GLU A 450 33.59 3.26 -22.84
CA GLU A 450 33.88 4.17 -23.96
C GLU A 450 35.30 4.01 -24.46
N ASN A 451 36.23 3.93 -23.53
CA ASN A 451 37.64 3.86 -23.89
C ASN A 451 37.99 2.50 -24.48
N ALA A 452 37.31 1.47 -24.02
CA ALA A 452 37.56 0.13 -24.53
C ALA A 452 37.21 -0.02 -26.00
N VAL A 453 36.03 0.46 -26.41
CA VAL A 453 35.58 0.25 -27.78
C VAL A 453 36.21 1.28 -28.71
N ALA A 454 36.62 2.42 -28.16
CA ALA A 454 37.39 3.40 -28.94
C ALA A 454 38.80 2.88 -29.27
N ARG A 455 39.47 2.21 -28.32
CA ARG A 455 40.81 1.71 -28.59
C ARG A 455 40.95 0.25 -28.17
N PRO A 456 40.21 -0.65 -28.84
CA PRO A 456 40.10 -2.05 -28.42
C PRO A 456 41.37 -2.87 -28.56
N ASP A 457 42.33 -2.41 -29.35
CA ASP A 457 43.54 -3.19 -29.58
C ASP A 457 44.76 -2.61 -28.84
N ALA A 458 44.51 -1.52 -28.11
CA ALA A 458 45.54 -0.93 -27.26
C ALA A 458 45.77 -1.76 -25.99
N PRO A 459 46.95 -1.62 -25.35
CA PRO A 459 47.25 -2.38 -24.13
C PRO A 459 46.31 -2.06 -22.97
N PHE A 460 45.77 -3.08 -22.31
CA PHE A 460 44.76 -2.84 -21.29
C PHE A 460 45.39 -2.96 -19.91
N PRO B 18 -1.06 29.61 8.57
CA PRO B 18 -1.76 28.34 8.77
C PRO B 18 -1.52 27.74 10.18
N PRO B 19 -2.46 27.94 11.12
CA PRO B 19 -2.28 27.29 12.41
C PRO B 19 -2.88 25.88 12.45
N LEU B 20 -2.32 25.00 13.26
CA LEU B 20 -3.03 23.76 13.62
C LEU B 20 -4.32 24.13 14.35
N SER B 21 -5.36 23.36 14.10
CA SER B 21 -6.60 23.57 14.80
C SER B 21 -6.47 23.09 16.25
N PHE B 22 -7.46 23.42 17.07
CA PHE B 22 -7.44 22.94 18.46
C PHE B 22 -7.52 21.42 18.49
N HIS B 23 -8.27 20.83 17.57
CA HIS B 23 -8.37 19.38 17.48
C HIS B 23 -7.00 18.75 17.13
N GLN B 24 -6.31 19.35 16.16
CA GLN B 24 -5.01 18.86 15.76
C GLN B 24 -4.00 19.06 16.89
N GLU B 25 -4.15 20.13 17.66
CA GLU B 25 -3.25 20.33 18.80
C GLU B 25 -3.49 19.27 19.87
N PHE B 26 -4.75 18.89 20.06
CA PHE B 26 -5.12 17.78 20.95
C PHE B 26 -4.43 16.51 20.47
N LEU B 27 -4.46 16.28 19.17
CA LEU B 27 -3.78 15.11 18.63
C LEU B 27 -2.27 15.14 18.89
N CYS B 28 -1.64 16.31 18.86
CA CYS B 28 -0.21 16.41 19.23
C CYS B 28 0.12 15.90 20.66
N PHE B 30 -0.62 13.20 21.71
CA PHE B 30 -0.46 11.74 21.56
C PHE B 30 0.61 11.40 20.51
N ASP B 31 1.34 12.41 20.11
CA ASP B 31 2.38 12.24 19.12
C ASP B 31 3.69 12.18 19.89
N SER B 32 3.59 11.69 21.11
CA SER B 32 4.63 11.86 22.11
C SER B 32 5.71 10.80 21.98
N GLY B 33 5.35 9.56 22.30
CA GLY B 33 6.34 8.53 22.57
C GLY B 33 6.20 7.28 21.75
N ASN B 34 6.52 7.40 20.45
CA ASN B 34 6.38 6.28 19.54
C ASN B 34 7.75 5.77 19.12
N ASP B 35 8.78 6.41 19.65
CA ASP B 35 10.14 5.92 19.48
C ASP B 35 10.58 6.00 18.02
N GLY B 36 10.09 7.02 17.31
CA GLY B 36 10.55 7.29 15.96
C GLY B 36 9.80 6.58 14.84
N ALA B 37 8.91 5.65 15.22
CA ALA B 37 8.11 4.94 14.23
C ALA B 37 7.05 5.86 13.61
N ASP B 38 6.62 5.54 12.40
CA ASP B 38 5.66 6.35 11.67
C ASP B 38 4.24 5.87 12.00
N VAL B 39 3.77 6.23 13.18
CA VAL B 39 2.54 5.68 13.73
C VAL B 39 1.81 6.81 14.41
N GLY B 40 0.65 6.51 15.01
CA GLY B 40 -0.09 7.52 15.72
C GLY B 40 -0.88 8.46 14.79
N PRO B 41 -1.33 9.58 15.33
CA PRO B 41 -2.27 10.42 14.59
C PRO B 41 -1.68 11.15 13.34
N PHE B 42 -0.36 11.26 13.25
CA PHE B 42 0.27 11.84 12.08
C PHE B 42 0.95 10.80 11.19
N GLY B 43 0.64 9.53 11.47
CA GLY B 43 1.12 8.43 10.66
C GLY B 43 0.04 8.00 9.69
N PRO B 44 0.35 7.03 8.83
CA PRO B 44 -0.49 6.66 7.67
C PRO B 44 -1.67 5.77 8.00
N TYR B 46 -3.90 6.66 10.57
CA TYR B 46 -4.88 7.49 11.25
C TYR B 46 -5.83 8.05 10.18
N HIS B 47 -6.77 7.20 9.79
CA HIS B 47 -7.66 7.54 8.72
C HIS B 47 -9.06 7.16 9.08
N ILE B 48 -10.00 7.60 8.24
CA ILE B 48 -11.40 7.28 8.41
C ILE B 48 -11.92 6.77 7.06
N VAL B 49 -12.67 5.68 7.10
CA VAL B 49 -13.21 5.08 5.88
C VAL B 49 -14.73 5.15 5.93
N GLY B 50 -15.37 5.24 4.77
CA GLY B 50 -16.80 5.09 4.69
C GLY B 50 -17.17 4.32 3.44
N ALA B 51 -18.36 3.75 3.43
CA ALA B 51 -18.82 3.00 2.28
C ALA B 51 -20.28 3.37 2.00
N TRP B 52 -20.58 3.57 0.73
CA TRP B 52 -21.92 3.84 0.24
C TRP B 52 -22.34 2.85 -0.83
N ARG B 53 -23.59 2.42 -0.74
CA ARG B 53 -24.18 1.53 -1.71
C ARG B 53 -24.81 2.40 -2.81
N LEU B 54 -24.36 2.23 -4.06
CA LEU B 54 -24.83 3.04 -5.17
C LEU B 54 -25.73 2.27 -6.12
N THR B 55 -26.90 2.83 -6.38
CA THR B 55 -27.91 2.24 -7.24
C THR B 55 -28.13 3.13 -8.48
N GLY B 56 -27.95 2.52 -9.65
CA GLY B 56 -28.01 3.23 -10.92
C GLY B 56 -26.75 2.99 -11.72
N GLY B 57 -26.79 3.31 -13.03
CA GLY B 57 -25.59 3.22 -13.85
C GLY B 57 -24.56 4.25 -13.39
N ILE B 58 -23.30 3.96 -13.70
CA ILE B 58 -22.18 4.79 -13.29
C ILE B 58 -21.24 4.92 -14.46
N ASP B 59 -20.80 6.12 -14.71
CA ASP B 59 -19.76 6.34 -15.70
C ASP B 59 -18.45 6.54 -14.91
N GLU B 60 -17.58 5.56 -14.99
CA GLU B 60 -16.38 5.55 -14.16
C GLU B 60 -15.48 6.77 -14.35
N GLU B 61 -15.26 7.13 -15.59
CA GLU B 61 -14.39 8.27 -15.89
C GLU B 61 -14.94 9.56 -15.29
N THR B 62 -16.26 9.71 -15.33
CA THR B 62 -16.87 10.90 -14.79
C THR B 62 -16.82 10.89 -13.27
N LEU B 63 -17.04 9.73 -12.65
CA LEU B 63 -16.88 9.65 -11.20
C LEU B 63 -15.43 9.99 -10.78
N ARG B 64 -14.47 9.55 -11.58
CA ARG B 64 -13.10 9.89 -11.30
C ARG B 64 -12.88 11.41 -11.36
N GLU B 65 -13.37 12.04 -12.43
CA GLU B 65 -13.28 13.51 -12.53
C GLU B 65 -13.91 14.22 -11.34
N ALA B 66 -15.06 13.71 -10.86
CA ALA B 66 -15.77 14.30 -9.73
C ALA B 66 -14.95 14.15 -8.45
N LEU B 67 -14.17 13.08 -8.36
CA LEU B 67 -13.30 12.93 -7.19
C LEU B 67 -12.21 13.98 -7.18
N GLY B 68 -11.66 14.28 -8.35
CA GLY B 68 -10.75 15.40 -8.46
C GLY B 68 -11.44 16.71 -8.08
N ASP B 69 -12.66 16.91 -8.60
CA ASP B 69 -13.44 18.12 -8.28
C ASP B 69 -13.63 18.31 -6.77
N VAL B 70 -13.89 17.23 -6.04
CA VAL B 70 -14.27 17.35 -4.62
C VAL B 70 -13.01 17.71 -3.81
N VAL B 71 -11.84 17.29 -4.30
CA VAL B 71 -10.60 17.61 -3.63
C VAL B 71 -10.18 19.06 -3.89
N VAL B 72 -10.38 19.52 -5.12
CA VAL B 72 -10.21 20.92 -5.46
C VAL B 72 -11.15 21.80 -4.61
N ARG B 73 -12.38 21.36 -4.48
CA ARG B 73 -13.40 22.07 -3.68
C ARG B 73 -13.01 22.34 -2.21
N HIS B 74 -12.49 21.32 -1.55
CA HIS B 74 -12.20 21.40 -0.10
C HIS B 74 -10.71 21.39 0.24
N GLU B 75 -10.25 22.51 0.76
CA GLU B 75 -8.85 22.71 1.02
C GLU B 75 -8.30 21.71 2.05
N ALA B 76 -9.13 21.24 2.96
CA ALA B 76 -8.62 20.32 3.98
C ALA B 76 -8.10 19.05 3.33
N LEU B 77 -8.69 18.69 2.21
CA LEU B 77 -8.35 17.48 1.51
C LEU B 77 -7.06 17.66 0.67
N ARG B 78 -6.44 18.85 0.75
CA ARG B 78 -5.18 19.15 0.09
C ARG B 78 -4.18 19.75 1.07
N THR B 79 -4.46 19.65 2.36
CA THR B 79 -3.63 20.29 3.36
C THR B 79 -2.77 19.24 4.03
N SER B 80 -1.55 19.12 3.54
CA SER B 80 -0.63 18.17 4.12
C SER B 80 -0.13 18.70 5.47
N LEU B 81 0.33 17.78 6.32
CA LEU B 81 1.02 18.15 7.57
C LEU B 81 2.44 17.59 7.57
N VAL B 82 3.44 18.44 7.74
CA VAL B 82 4.83 17.95 7.80
C VAL B 82 5.44 18.28 9.16
N ARG B 83 6.36 17.44 9.60
CA ARG B 83 7.00 17.65 10.88
C ARG B 83 7.97 18.82 10.79
N GLU B 84 7.83 19.78 11.70
CA GLU B 84 8.84 20.83 11.85
C GLU B 84 8.95 21.15 13.32
N GLY B 85 10.17 21.09 13.84
CA GLY B 85 10.38 21.18 15.26
C GLY B 85 9.73 19.99 15.94
N GLY B 86 9.10 20.24 17.08
CA GLY B 86 8.37 19.21 17.78
C GLY B 86 6.90 19.12 17.38
N THR B 87 6.52 19.84 16.33
CA THR B 87 5.12 19.93 15.95
C THR B 87 4.91 19.66 14.45
N HIS B 88 3.77 20.09 13.92
CA HIS B 88 3.44 19.85 12.53
C HIS B 88 2.93 21.11 11.90
N ARG B 89 3.30 21.29 10.65
CA ARG B 89 2.98 22.52 9.91
C ARG B 89 2.03 22.17 8.77
N PRO B 90 0.90 22.86 8.66
CA PRO B 90 0.07 22.59 7.49
C PRO B 90 0.54 23.31 6.23
N GLU B 91 0.33 22.69 5.08
CA GLU B 91 0.49 23.38 3.82
C GLU B 91 -0.61 23.00 2.86
N ILE B 92 -1.37 23.99 2.38
CA ILE B 92 -2.38 23.78 1.37
C ILE B 92 -1.69 23.60 0.02
N LEU B 93 -1.81 22.43 -0.59
CA LEU B 93 -1.21 22.14 -1.90
C LEU B 93 -2.27 22.15 -3.00
N PRO B 94 -1.85 22.34 -4.27
CA PRO B 94 -2.79 22.14 -5.36
C PRO B 94 -3.18 20.66 -5.48
N ALA B 95 -4.40 20.41 -5.94
CA ALA B 95 -4.90 19.05 -6.02
C ALA B 95 -4.00 18.21 -6.89
N GLY B 96 -3.82 16.96 -6.51
CA GLY B 96 -3.06 16.04 -7.35
C GLY B 96 -4.01 15.34 -8.34
N PRO B 97 -3.49 14.39 -9.10
CA PRO B 97 -4.28 13.79 -10.18
C PRO B 97 -5.51 13.06 -9.67
N ALA B 98 -6.65 13.25 -10.34
CA ALA B 98 -7.85 12.48 -10.02
C ALA B 98 -7.54 10.99 -10.24
N ALA B 99 -7.89 10.18 -9.25
CA ALA B 99 -7.62 8.72 -9.29
C ALA B 99 -8.82 7.94 -8.77
N LEU B 100 -9.07 6.78 -9.38
CA LEU B 100 -10.15 5.93 -8.93
C LEU B 100 -9.77 4.50 -9.26
N GLU B 101 -9.82 3.64 -8.26
CA GLU B 101 -9.63 2.22 -8.49
C GLU B 101 -10.98 1.55 -8.57
N VAL B 102 -11.17 0.71 -9.57
CA VAL B 102 -12.43 -0.02 -9.72
C VAL B 102 -12.17 -1.51 -9.64
N ARG B 103 -13.08 -2.26 -9.00
CA ARG B 103 -13.01 -3.70 -8.99
C ARG B 103 -14.36 -4.31 -9.37
N ASP B 104 -14.30 -5.46 -10.05
CA ASP B 104 -15.51 -6.22 -10.37
C ASP B 104 -15.72 -7.24 -9.23
N LEU B 105 -16.67 -6.94 -8.36
CA LEU B 105 -16.88 -7.73 -7.15
C LEU B 105 -17.81 -8.93 -7.36
N GLY B 106 -18.52 -8.93 -8.47
CA GLY B 106 -19.30 -10.09 -8.87
C GLY B 106 -20.81 -9.94 -8.80
N ASP B 107 -21.50 -10.59 -9.73
CA ASP B 107 -22.94 -10.53 -9.84
C ASP B 107 -23.52 -11.66 -8.97
N VAL B 108 -23.67 -11.39 -7.68
CA VAL B 108 -24.01 -12.43 -6.71
C VAL B 108 -25.28 -12.04 -5.91
N ASP B 109 -25.77 -12.95 -5.07
CA ASP B 109 -26.91 -12.67 -4.21
C ASP B 109 -26.68 -11.44 -3.31
N GLU B 110 -27.78 -10.80 -2.91
CA GLU B 110 -27.69 -9.65 -2.02
C GLU B 110 -26.82 -9.85 -0.78
N SER B 111 -27.01 -10.94 -0.05
CA SER B 111 -26.25 -11.11 1.18
C SER B 111 -24.75 -11.14 0.86
N GLU B 112 -24.41 -11.69 -0.29
CA GLU B 112 -23.02 -11.78 -0.67
C GLU B 112 -22.51 -10.43 -1.19
N ARG B 113 -23.38 -9.60 -1.78
CA ARG B 113 -22.99 -8.22 -2.08
C ARG B 113 -22.68 -7.42 -0.80
N VAL B 114 -23.52 -7.56 0.22
CA VAL B 114 -23.28 -6.89 1.50
C VAL B 114 -21.96 -7.39 2.06
N ARG B 115 -21.75 -8.69 2.07
CA ARG B 115 -20.54 -9.20 2.65
C ARG B 115 -19.28 -8.75 1.88
N ARG B 116 -19.31 -8.78 0.55
CA ARG B 116 -18.14 -8.36 -0.21
C ARG B 116 -17.90 -6.85 -0.11
N GLY B 117 -18.95 -6.05 0.04
CA GLY B 117 -18.77 -4.64 0.30
C GLY B 117 -18.04 -4.43 1.61
N GLU B 118 -18.44 -5.19 2.63
CA GLU B 118 -17.81 -5.07 3.93
C GLU B 118 -16.35 -5.50 3.90
N GLU B 119 -16.07 -6.55 3.15
CA GLU B 119 -14.70 -7.02 3.01
C GLU B 119 -13.82 -5.98 2.30
N LEU B 120 -14.41 -5.28 1.33
CA LEU B 120 -13.68 -4.21 0.63
C LEU B 120 -13.39 -3.05 1.58
N LEU B 121 -14.39 -2.69 2.36
CA LEU B 121 -14.21 -1.60 3.31
C LEU B 121 -13.08 -1.90 4.31
N ASN B 122 -13.11 -3.10 4.88
CA ASN B 122 -12.07 -3.61 5.74
C ASN B 122 -10.70 -3.67 5.10
N GLU B 123 -10.64 -4.13 3.84
CA GLU B 123 -9.38 -4.13 3.12
C GLU B 123 -8.82 -2.71 2.97
N VAL B 124 -9.67 -1.74 2.59
CA VAL B 124 -9.18 -0.38 2.41
C VAL B 124 -8.70 0.16 3.75
N GLU B 125 -9.45 -0.12 4.79
CA GLU B 125 -9.02 0.32 6.11
C GLU B 125 -7.70 -0.27 6.57
N SER B 126 -7.24 -1.37 5.97
CA SER B 126 -5.98 -1.94 6.39
C SER B 126 -4.81 -1.34 5.60
N THR B 127 -5.11 -0.48 4.62
CA THR B 127 -4.06 0.15 3.83
C THR B 127 -3.67 1.49 4.47
N GLY B 128 -2.48 1.98 4.13
CA GLY B 128 -1.99 3.25 4.61
C GLY B 128 -2.30 4.46 3.74
N LEU B 129 -2.35 5.62 4.39
CA LEU B 129 -2.59 6.87 3.70
C LEU B 129 -1.82 7.98 4.44
N SER B 130 -0.71 8.42 3.86
CA SER B 130 0.17 9.40 4.50
C SER B 130 -0.45 10.81 4.57
N VAL B 131 -0.19 11.53 5.65
CA VAL B 131 -0.64 12.92 5.78
C VAL B 131 0.41 13.89 5.26
N ARG B 132 1.60 13.38 4.96
CA ARG B 132 2.75 14.24 4.68
C ARG B 132 2.81 14.62 3.18
N GLU B 133 2.03 13.94 2.36
CA GLU B 133 1.97 14.23 0.94
C GLU B 133 0.62 13.79 0.42
N LEU B 134 0.15 14.40 -0.69
CA LEU B 134 -1.12 13.99 -1.25
C LEU B 134 -0.96 12.60 -1.86
N PRO B 135 -2.05 11.84 -2.00
CA PRO B 135 -3.42 12.25 -1.69
C PRO B 135 -3.78 12.16 -0.21
N LEU B 136 -4.81 12.91 0.18
CA LEU B 136 -5.42 12.76 1.51
C LEU B 136 -6.79 12.10 1.46
N LEU B 137 -7.27 11.82 0.24
CA LEU B 137 -8.54 11.13 0.00
C LEU B 137 -8.28 10.09 -1.08
N ARG B 138 -8.77 8.86 -0.93
CA ARG B 138 -8.68 7.88 -2.02
C ARG B 138 -10.04 7.21 -2.13
N ALA B 139 -10.31 6.63 -3.28
CA ALA B 139 -11.61 5.99 -3.54
C ALA B 139 -11.42 4.64 -4.26
N VAL B 140 -12.27 3.67 -3.88
CA VAL B 140 -12.35 2.40 -4.57
C VAL B 140 -13.81 2.14 -4.82
N LEU B 141 -14.14 1.82 -6.07
CA LEU B 141 -15.50 1.48 -6.46
C LEU B 141 -15.54 -0.03 -6.73
N GLY B 142 -16.33 -0.75 -5.96
CA GLY B 142 -16.56 -2.18 -6.18
C GLY B 142 -17.89 -2.35 -6.88
N ARG B 143 -17.89 -2.71 -8.16
CA ARG B 143 -19.14 -2.90 -8.91
C ARG B 143 -19.61 -4.35 -8.88
N PHE B 144 -20.92 -4.55 -8.63
CA PHE B 144 -21.50 -5.89 -8.70
C PHE B 144 -22.05 -6.21 -10.08
N ASP B 145 -22.81 -5.26 -10.63
CA ASP B 145 -23.31 -5.33 -11.98
C ASP B 145 -23.42 -3.88 -12.49
N GLN B 146 -24.09 -3.66 -13.59
CA GLN B 146 -24.04 -2.36 -14.23
C GLN B 146 -24.83 -1.30 -13.47
N LYS B 147 -25.66 -1.72 -12.51
CA LYS B 147 -26.48 -0.76 -11.79
C LYS B 147 -26.37 -0.87 -10.26
N ASP B 148 -25.33 -1.55 -9.77
CA ASP B 148 -25.18 -1.74 -8.32
C ASP B 148 -23.73 -1.79 -8.02
N ALA B 149 -23.33 -1.03 -6.99
CA ALA B 149 -21.94 -0.95 -6.59
C ALA B 149 -21.79 -0.45 -5.16
N VAL B 150 -20.58 -0.59 -4.64
CA VAL B 150 -20.22 0.04 -3.37
C VAL B 150 -19.04 0.97 -3.59
N LEU B 151 -19.19 2.18 -3.09
CA LEU B 151 -18.12 3.15 -3.15
C LEU B 151 -17.49 3.25 -1.79
N VAL B 152 -16.18 3.04 -1.71
CA VAL B 152 -15.44 3.19 -0.47
C VAL B 152 -14.53 4.38 -0.58
N LEU B 153 -14.65 5.28 0.39
CA LEU B 153 -13.72 6.41 0.48
C LEU B 153 -12.88 6.26 1.75
N ILE B 154 -11.64 6.73 1.67
CA ILE B 154 -10.76 6.77 2.80
C ILE B 154 -10.05 8.13 2.84
N ALA B 155 -10.02 8.76 4.00
CA ALA B 155 -9.44 10.10 4.15
C ALA B 155 -8.58 10.11 5.40
N HIS B 156 -7.52 10.92 5.42
CA HIS B 156 -6.72 11.03 6.62
C HIS B 156 -7.59 11.71 7.68
N HIS B 157 -7.51 11.21 8.90
CA HIS B 157 -8.46 11.58 9.94
C HIS B 157 -8.08 12.94 10.56
N THR B 158 -6.91 13.46 10.23
CA THR B 158 -6.62 14.86 10.56
C THR B 158 -7.31 15.82 9.60
N ALA B 159 -7.84 15.30 8.48
CA ALA B 159 -8.41 16.14 7.44
C ALA B 159 -9.94 16.03 7.42
N ALA B 160 -10.50 15.00 8.04
CA ALA B 160 -11.92 14.74 7.95
C ALA B 160 -12.39 13.92 9.13
N ASP B 161 -13.57 14.28 9.65
CA ASP B 161 -14.28 13.47 10.63
C ASP B 161 -15.53 12.85 9.97
N ALA B 162 -16.35 12.15 10.74
CA ALA B 162 -17.50 11.45 10.14
C ALA B 162 -18.47 12.41 9.43
N TRP B 163 -18.76 13.57 10.01
CA TRP B 163 -19.64 14.53 9.36
C TRP B 163 -19.00 14.97 8.07
N ALA B 164 -17.71 15.27 8.10
CA ALA B 164 -17.00 15.62 6.87
C ALA B 164 -17.15 14.56 5.73
N HIS B 166 -19.59 12.55 5.27
CA HIS B 166 -20.94 12.77 4.73
C HIS B 166 -20.98 13.89 3.69
N VAL B 167 -20.40 15.05 4.02
CA VAL B 167 -20.32 16.17 3.08
C VAL B 167 -19.54 15.83 1.81
N ILE B 168 -18.39 15.16 1.95
CA ILE B 168 -17.58 14.72 0.82
C ILE B 168 -18.43 13.85 -0.11
N ALA B 169 -19.10 12.85 0.42
CA ALA B 169 -19.90 11.97 -0.43
C ALA B 169 -21.02 12.74 -1.14
N ARG B 170 -21.71 13.58 -0.39
CA ARG B 170 -22.80 14.40 -0.93
C ARG B 170 -22.32 15.29 -2.05
N ASP B 171 -21.21 15.98 -1.79
CA ASP B 171 -20.60 16.91 -2.75
C ASP B 171 -20.12 16.15 -3.98
N LEU B 172 -19.46 15.03 -3.76
CA LEU B 172 -18.94 14.20 -4.84
C LEU B 172 -20.04 13.79 -5.82
N LEU B 173 -21.15 13.31 -5.27
CA LEU B 173 -22.18 12.72 -6.13
C LEU B 173 -23.03 13.83 -6.78
N ASN B 174 -23.05 15.00 -6.15
CA ASN B 174 -23.63 16.16 -6.78
C ASN B 174 -22.82 16.58 -8.01
N LEU B 175 -21.51 16.66 -7.82
CA LEU B 175 -20.61 17.13 -8.85
C LEU B 175 -20.61 16.13 -9.99
N TYR B 176 -20.69 14.84 -9.64
CA TYR B 176 -20.83 13.76 -10.61
C TYR B 176 -22.11 13.95 -11.43
N ALA B 177 -23.21 14.17 -10.73
CA ALA B 177 -24.51 14.35 -11.39
C ALA B 177 -24.50 15.53 -12.35
N ALA B 178 -23.94 16.65 -11.91
CA ALA B 178 -23.92 17.82 -12.75
C ALA B 178 -23.03 17.58 -13.99
N ARG B 179 -21.95 16.81 -13.85
CA ARG B 179 -21.10 16.51 -15.02
C ARG B 179 -21.85 15.63 -16.02
N ARG B 180 -22.76 14.78 -15.52
CA ARG B 180 -23.59 13.96 -16.42
C ARG B 180 -24.78 14.73 -17.01
N GLY B 181 -24.95 15.99 -16.68
CA GLY B 181 -26.13 16.71 -17.13
C GLY B 181 -27.40 16.62 -16.26
N ASN B 182 -27.35 15.89 -15.14
CA ASN B 182 -28.55 15.76 -14.32
C ASN B 182 -28.81 17.03 -13.53
N PRO B 183 -30.04 17.55 -13.58
CA PRO B 183 -30.26 18.75 -12.79
C PRO B 183 -30.17 18.50 -11.30
N VAL B 184 -29.27 19.21 -10.63
CA VAL B 184 -29.09 19.15 -9.18
C VAL B 184 -28.80 20.57 -8.75
N PRO B 185 -29.02 20.87 -7.47
CA PRO B 185 -28.75 22.25 -7.06
C PRO B 185 -27.27 22.60 -7.18
N PRO B 186 -26.96 23.85 -7.53
CA PRO B 186 -25.57 24.27 -7.44
C PRO B 186 -25.05 24.10 -5.98
N LEU B 187 -23.79 23.72 -5.77
CA LEU B 187 -23.21 23.72 -4.43
C LEU B 187 -22.84 25.14 -3.99
N PRO B 188 -23.06 25.46 -2.72
CA PRO B 188 -22.59 26.75 -2.21
C PRO B 188 -21.08 26.83 -2.19
N GLU B 189 -20.55 28.04 -2.08
CA GLU B 189 -19.14 28.21 -1.83
C GLU B 189 -18.87 27.68 -0.42
N PRO B 190 -17.95 26.73 -0.30
CA PRO B 190 -17.77 26.13 1.03
C PRO B 190 -16.96 27.01 1.99
N ALA B 191 -17.23 26.96 3.28
CA ALA B 191 -16.32 27.55 4.25
C ALA B 191 -15.18 26.56 4.41
N GLN B 192 -13.95 27.06 4.33
CA GLN B 192 -12.78 26.20 4.34
C GLN B 192 -12.28 25.98 5.76
N HIS B 193 -11.69 24.84 6.02
CA HIS B 193 -11.18 24.57 7.37
C HIS B 193 -10.17 25.63 7.88
N ALA B 194 -9.40 26.25 7.00
CA ALA B 194 -8.42 27.24 7.46
C ALA B 194 -9.13 28.45 8.06
N GLU B 195 -10.31 28.74 7.53
N GLU B 195 -10.32 28.77 7.56
CA GLU B 195 -11.13 29.85 8.02
CA GLU B 195 -11.09 29.91 8.07
C GLU B 195 -11.59 29.54 9.42
C GLU B 195 -11.63 29.55 9.44
N PHE B 196 -11.98 28.28 9.61
CA PHE B 196 -12.43 27.82 10.92
C PHE B 196 -11.30 27.91 11.94
N ALA B 197 -10.11 27.51 11.55
CA ALA B 197 -8.99 27.48 12.48
C ALA B 197 -8.66 28.89 12.95
N ARG B 198 -8.81 29.85 12.06
CA ARG B 198 -8.55 31.25 12.39
C ARG B 198 -9.64 31.74 13.31
N TRP B 199 -10.87 31.39 12.97
CA TRP B 199 -12.01 31.82 13.77
C TRP B 199 -11.95 31.24 15.19
N GLU B 200 -11.79 29.93 15.31
CA GLU B 200 -11.88 29.29 16.62
C GLU B 200 -10.84 29.93 17.55
N ARG B 201 -9.73 30.40 16.99
CA ARG B 201 -8.78 31.10 17.85
C ARG B 201 -9.24 32.49 18.25
N GLU B 202 -9.94 33.19 17.36
CA GLU B 202 -10.52 34.50 17.72
C GLU B 202 -11.58 34.34 18.83
N ALA B 203 -12.43 33.34 18.69
CA ALA B 203 -13.47 33.06 19.69
C ALA B 203 -12.91 32.61 21.06
N ALA B 204 -11.66 32.15 21.07
CA ALA B 204 -11.04 31.61 22.26
C ALA B 204 -10.78 32.67 23.34
N GLU B 205 -10.79 33.94 22.93
CA GLU B 205 -10.59 35.03 23.88
C GLU B 205 -11.90 35.67 24.29
N ALA B 206 -13.02 35.10 23.88
CA ALA B 206 -14.33 35.58 24.29
C ALA B 206 -14.54 35.49 25.82
N PRO B 207 -15.43 36.33 26.37
CA PRO B 207 -15.68 36.37 27.83
C PRO B 207 -16.30 35.08 28.36
N ARG B 208 -17.15 34.46 27.56
CA ARG B 208 -17.77 33.18 27.87
C ARG B 208 -16.74 32.10 28.31
N VAL B 209 -15.56 32.17 27.72
CA VAL B 209 -14.50 31.19 27.93
C VAL B 209 -14.08 31.13 29.41
N ALA B 210 -13.83 32.29 30.02
CA ALA B 210 -13.46 32.38 31.42
C ALA B 210 -14.53 31.78 32.35
N VAL B 211 -15.81 32.06 32.09
CA VAL B 211 -16.89 31.44 32.85
C VAL B 211 -16.82 29.91 32.71
N SER B 212 -16.66 29.42 31.49
CA SER B 212 -16.63 27.97 31.29
C SER B 212 -15.43 27.33 31.94
N LYS B 213 -14.30 28.02 31.91
CA LYS B 213 -13.12 27.50 32.58
C LYS B 213 -13.38 27.40 34.09
N GLU B 214 -14.06 28.38 34.67
CA GLU B 214 -14.39 28.31 36.12
C GLU B 214 -15.29 27.12 36.40
N PHE B 215 -16.25 26.89 35.50
CA PHE B 215 -17.17 25.78 35.63
C PHE B 215 -16.39 24.45 35.65
N TRP B 216 -15.48 24.26 34.70
CA TRP B 216 -14.78 22.99 34.57
C TRP B 216 -13.80 22.73 35.72
N ARG B 217 -13.13 23.77 36.16
CA ARG B 217 -12.20 23.66 37.27
C ARG B 217 -12.88 23.07 38.49
N LYS B 218 -14.09 23.55 38.75
CA LYS B 218 -14.90 23.08 39.88
C LYS B 218 -15.48 21.71 39.56
N ARG B 219 -16.07 21.59 38.37
CA ARG B 219 -16.76 20.37 38.03
C ARG B 219 -15.82 19.16 38.01
N LEU B 220 -14.57 19.37 37.63
CA LEU B 220 -13.62 18.27 37.47
C LEU B 220 -12.58 18.25 38.59
N GLN B 221 -12.87 18.99 39.65
CA GLN B 221 -11.94 19.03 40.76
C GLN B 221 -11.75 17.62 41.34
N GLY B 222 -10.51 17.17 41.34
CA GLY B 222 -10.22 15.83 41.82
C GLY B 222 -10.56 14.67 40.88
N ALA B 223 -11.09 14.98 39.71
CA ALA B 223 -11.50 13.95 38.77
C ALA B 223 -10.32 13.27 38.07
N ARG B 224 -10.54 12.02 37.70
CA ARG B 224 -9.60 11.24 36.92
C ARG B 224 -10.41 10.47 35.91
N ILE B 225 -10.07 10.61 34.63
CA ILE B 225 -10.72 9.79 33.61
C ILE B 225 -10.36 8.35 33.95
N ILE B 226 -11.38 7.49 33.96
CA ILE B 226 -11.25 6.09 34.31
C ILE B 226 -10.20 5.42 33.43
N GLY B 227 -9.28 4.71 34.06
CA GLY B 227 -8.28 3.92 33.36
C GLY B 227 -8.66 2.44 33.34
N LEU B 228 -8.49 1.82 32.18
CA LEU B 228 -8.70 0.39 32.06
C LEU B 228 -7.36 -0.32 32.16
N GLU B 229 -7.29 -1.38 32.94
CA GLU B 229 -6.05 -2.14 33.08
C GLU B 229 -5.66 -2.86 31.79
N THR B 230 -4.44 -2.70 31.31
CA THR B 230 -4.06 -3.26 30.02
C THR B 230 -3.48 -4.65 30.22
N ASP B 231 -3.52 -5.47 29.19
CA ASP B 231 -2.88 -6.81 29.27
C ASP B 231 -1.37 -6.74 29.07
N ILE B 232 -0.94 -5.77 28.28
CA ILE B 232 0.45 -5.57 27.95
C ILE B 232 0.84 -4.15 28.31
N PRO B 233 1.92 -3.98 29.06
CA PRO B 233 2.23 -2.61 29.47
C PRO B 233 2.82 -1.75 28.37
N ARG B 234 2.76 -0.44 28.59
CA ARG B 234 3.39 0.52 27.72
C ARG B 234 4.85 0.13 27.48
N SER B 235 5.56 -0.20 28.56
CA SER B 235 6.99 -0.45 28.48
C SER B 235 7.35 -1.71 27.68
N ALA B 236 6.39 -2.54 27.31
CA ALA B 236 6.77 -3.70 26.49
C ALA B 236 7.19 -3.21 25.12
N GLY B 237 6.68 -2.07 24.69
CA GLY B 237 7.13 -1.50 23.42
C GLY B 237 6.80 -2.35 22.21
N LEU B 238 5.67 -3.02 22.22
CA LEU B 238 5.25 -3.76 21.05
C LEU B 238 4.86 -2.79 19.93
N PRO B 239 4.97 -3.26 18.66
CA PRO B 239 4.59 -2.35 17.57
C PRO B 239 3.16 -1.88 17.67
N LYS B 240 2.95 -0.62 17.31
CA LYS B 240 1.62 -0.02 17.39
C LYS B 240 0.70 -0.66 16.37
N GLY B 241 -0.50 -1.03 16.81
CA GLY B 241 -1.57 -1.41 15.91
C GLY B 241 -2.90 -1.27 16.58
N THR B 242 -3.98 -1.18 15.78
CA THR B 242 -5.29 -1.03 16.34
C THR B 242 -6.25 -2.04 15.68
N ALA B 243 -6.95 -2.79 16.53
CA ALA B 243 -7.93 -3.75 16.05
C ALA B 243 -9.30 -3.24 16.39
N TRP B 244 -10.31 -3.67 15.63
CA TRP B 244 -11.70 -3.26 15.83
C TRP B 244 -12.60 -4.48 15.91
N GLN B 245 -13.39 -4.57 16.97
CA GLN B 245 -14.47 -5.55 17.03
C GLN B 245 -15.76 -4.85 16.75
N ARG B 246 -16.54 -5.43 15.85
CA ARG B 246 -17.79 -4.84 15.44
C ARG B 246 -18.96 -5.61 16.00
N PHE B 247 -20.05 -4.90 16.24
CA PHE B 247 -21.27 -5.51 16.72
C PHE B 247 -22.49 -4.70 16.35
N ALA B 248 -23.66 -5.28 16.61
CA ALA B 248 -24.94 -4.66 16.28
C ALA B 248 -25.94 -4.85 17.40
N VAL B 249 -26.56 -3.77 17.86
CA VAL B 249 -27.59 -3.90 18.88
C VAL B 249 -28.81 -4.53 18.19
N ARG B 250 -28.99 -5.82 18.44
CA ARG B 250 -30.07 -6.61 17.84
C ARG B 250 -31.45 -5.93 17.93
N GLY B 251 -32.34 -6.29 17.02
CA GLY B 251 -33.62 -5.62 16.84
C GLY B 251 -34.47 -5.38 18.09
N GLU B 252 -34.65 -6.42 18.91
CA GLU B 252 -35.45 -6.32 20.12
C GLU B 252 -34.80 -5.39 21.14
N LEU B 253 -33.52 -5.61 21.41
CA LEU B 253 -32.76 -4.74 22.32
C LEU B 253 -32.77 -3.29 21.84
N ALA B 254 -32.62 -3.07 20.55
CA ALA B 254 -32.59 -1.73 19.99
C ALA B 254 -33.94 -1.05 20.26
N ASP B 255 -35.00 -1.80 20.02
CA ASP B 255 -36.35 -1.34 20.29
C ASP B 255 -36.51 -0.92 21.73
N ALA B 256 -36.13 -1.80 22.66
CA ALA B 256 -36.27 -1.50 24.08
C ALA B 256 -35.46 -0.26 24.47
N VAL B 257 -34.26 -0.13 23.92
CA VAL B 257 -33.42 1.02 24.23
C VAL B 257 -34.12 2.28 23.75
N VAL B 258 -34.60 2.26 22.50
CA VAL B 258 -35.32 3.42 21.94
C VAL B 258 -36.57 3.76 22.76
N GLU B 259 -37.36 2.75 23.12
CA GLU B 259 -38.60 2.97 23.87
C GLU B 259 -38.31 3.46 25.27
N PHE B 260 -37.29 2.89 25.92
CA PHE B 260 -36.93 3.34 27.24
C PHE B 260 -36.55 4.82 27.22
N SER B 261 -35.73 5.17 26.23
CA SER B 261 -35.19 6.53 26.12
C SER B 261 -36.27 7.55 25.80
N ARG B 262 -37.19 7.16 24.91
CA ARG B 262 -38.31 8.03 24.53
C ARG B 262 -39.11 8.36 25.80
N ALA B 263 -39.44 7.33 26.57
CA ALA B 263 -40.31 7.49 27.73
C ALA B 263 -39.63 8.25 28.85
N ALA B 264 -38.30 8.15 28.95
CA ALA B 264 -37.56 8.83 30.00
C ALA B 264 -37.14 10.24 29.56
N LYS B 265 -37.48 10.61 28.34
CA LYS B 265 -37.01 11.86 27.73
C LYS B 265 -35.50 11.99 27.77
N CYS B 266 -34.82 10.88 27.48
CA CYS B 266 -33.36 10.90 27.26
C CYS B 266 -33.11 10.45 25.82
N SER B 267 -31.93 10.77 25.29
CA SER B 267 -31.53 10.22 23.99
C SER B 267 -31.02 8.80 24.18
N PRO B 268 -31.19 7.95 23.17
CA PRO B 268 -30.62 6.61 23.20
C PRO B 268 -29.13 6.61 23.54
N PHE B 269 -28.39 7.63 23.11
CA PHE B 269 -26.98 7.69 23.44
C PHE B 269 -26.74 7.83 24.94
N THR B 271 -28.66 6.67 27.25
CA THR B 271 -28.93 5.36 27.84
C THR B 271 -27.73 4.43 27.70
N PHE B 273 -24.64 5.22 27.13
CA PHE B 273 -23.52 5.73 27.86
C PHE B 273 -23.69 5.47 29.39
N ALA B 274 -24.90 5.61 29.89
CA ALA B 274 -25.19 5.26 31.28
C ALA B 274 -24.89 3.79 31.54
N ALA B 275 -25.24 2.94 30.58
CA ALA B 275 -24.96 1.50 30.72
C ALA B 275 -23.44 1.29 30.75
N TYR B 276 -22.70 2.12 30.06
CA TYR B 276 -21.26 1.98 30.06
C TYR B 276 -20.70 2.36 31.43
N GLN B 277 -21.27 3.41 32.03
CA GLN B 277 -20.85 3.81 33.38
C GLN B 277 -21.18 2.71 34.39
N VAL B 278 -22.33 2.05 34.23
CA VAL B 278 -22.68 0.96 35.13
C VAL B 278 -21.66 -0.17 34.96
N LEU B 279 -21.25 -0.43 33.73
CA LEU B 279 -20.29 -1.49 33.49
C LEU B 279 -18.96 -1.16 34.15
N LEU B 280 -18.56 0.11 34.06
CA LEU B 280 -17.28 0.51 34.63
C LEU B 280 -17.31 0.44 36.17
N HIS B 281 -18.44 0.85 36.76
CA HIS B 281 -18.65 0.67 38.19
C HIS B 281 -18.51 -0.79 38.58
N ARG B 282 -19.13 -1.67 37.80
CA ARG B 282 -19.03 -3.10 38.11
C ARG B 282 -17.59 -3.64 37.93
N ARG B 283 -16.90 -3.17 36.92
CA ARG B 283 -15.56 -3.67 36.57
C ARG B 283 -14.44 -3.11 37.48
N THR B 284 -14.60 -1.88 37.93
CA THR B 284 -13.56 -1.18 38.70
C THR B 284 -13.93 -0.88 40.17
N GLY B 285 -15.21 -1.00 40.52
CA GLY B 285 -15.68 -0.59 41.84
C GLY B 285 -15.94 0.90 42.04
N GLU B 286 -15.50 1.74 41.10
CA GLU B 286 -15.62 3.21 41.22
C GLU B 286 -17.04 3.69 41.12
N LEU B 287 -17.38 4.72 41.90
CA LEU B 287 -18.68 5.39 41.83
C LEU B 287 -18.61 6.81 41.23
N ASP B 288 -17.45 7.46 41.35
CA ASP B 288 -17.19 8.73 40.67
C ASP B 288 -16.57 8.40 39.30
N ILE B 289 -17.37 8.52 38.25
CA ILE B 289 -16.99 8.01 36.95
C ILE B 289 -16.83 9.18 35.99
N THR B 290 -15.61 9.38 35.52
CA THR B 290 -15.37 10.32 34.42
C THR B 290 -14.95 9.59 33.15
N VAL B 291 -15.77 9.75 32.13
CA VAL B 291 -15.47 9.17 30.83
C VAL B 291 -15.67 10.22 29.71
N PRO B 292 -14.66 10.40 28.84
CA PRO B 292 -14.87 11.36 27.75
C PRO B 292 -15.71 10.85 26.61
N THR B 293 -16.40 11.78 25.96
CA THR B 293 -16.96 11.48 24.65
C THR B 293 -16.33 12.40 23.62
N PHE B 294 -16.75 12.28 22.36
CA PHE B 294 -16.38 13.26 21.36
C PHE B 294 -17.65 13.94 20.96
N SER B 295 -17.68 15.26 21.14
CA SER B 295 -18.78 16.05 20.60
C SER B 295 -18.52 16.28 19.10
N GLY B 296 -19.51 16.78 18.37
CA GLY B 296 -19.36 16.99 16.93
C GLY B 296 -18.47 18.18 16.62
N GLY B 297 -18.41 19.13 17.55
CA GLY B 297 -17.56 20.30 17.46
C GLY B 297 -17.98 21.35 16.42
N ARG B 298 -19.22 21.24 15.97
CA ARG B 298 -19.72 22.11 14.91
C ARG B 298 -20.90 22.95 15.36
N ASN B 299 -20.64 23.84 16.32
CA ASN B 299 -21.68 24.70 16.88
C ASN B 299 -21.81 26.01 16.12
N ASN B 300 -20.78 26.34 15.36
CA ASN B 300 -20.84 27.48 14.46
C ASN B 300 -21.45 27.05 13.16
N SER B 301 -22.58 27.65 12.82
CA SER B 301 -23.38 27.19 11.70
C SER B 301 -22.70 27.50 10.37
N ARG B 302 -21.82 28.49 10.34
CA ARG B 302 -21.11 28.83 9.09
C ARG B 302 -20.24 27.65 8.62
N PHE B 303 -19.80 26.87 9.60
CA PHE B 303 -18.85 25.80 9.39
C PHE B 303 -19.50 24.47 9.61
N GLU B 304 -20.82 24.45 9.71
CA GLU B 304 -21.57 23.23 9.98
C GLU B 304 -21.19 22.14 8.99
N ASP B 305 -20.95 22.53 7.73
CA ASP B 305 -20.63 21.57 6.68
C ASP B 305 -19.18 21.63 6.15
N THR B 306 -18.31 22.33 6.85
CA THR B 306 -16.93 22.44 6.38
C THR B 306 -16.26 21.07 6.43
N VAL B 307 -15.48 20.75 5.42
CA VAL B 307 -14.63 19.56 5.47
C VAL B 307 -13.37 19.80 6.30
N GLY B 308 -13.23 18.99 7.33
CA GLY B 308 -12.14 19.09 8.28
C GLY B 308 -12.51 18.19 9.44
N SER B 309 -11.63 18.10 10.42
CA SER B 309 -11.98 17.35 11.62
C SER B 309 -12.30 18.27 12.81
N PHE B 310 -13.55 18.25 13.27
CA PHE B 310 -14.05 19.21 14.25
C PHE B 310 -14.27 18.60 15.64
N ILE B 311 -14.21 17.27 15.72
CA ILE B 311 -14.69 16.58 16.90
C ILE B 311 -13.87 17.02 18.12
N ASN B 312 -14.51 17.06 19.28
CA ASN B 312 -13.90 17.62 20.45
C ASN B 312 -14.06 16.68 21.67
N PHE B 313 -12.92 16.35 22.23
CA PHE B 313 -12.81 15.50 23.40
C PHE B 313 -13.48 16.21 24.55
N LEU B 314 -14.47 15.56 25.18
CA LEU B 314 -15.35 16.22 26.15
C LEU B 314 -15.57 15.33 27.38
N PRO B 315 -15.00 15.71 28.51
CA PRO B 315 -15.14 14.81 29.67
C PRO B 315 -16.51 14.87 30.37
N LEU B 316 -17.09 13.69 30.60
CA LEU B 316 -18.40 13.58 31.25
C LEU B 316 -18.22 12.91 32.61
N ARG B 317 -18.42 13.67 33.67
CA ARG B 317 -18.26 13.17 35.04
C ARG B 317 -19.61 12.97 35.70
N THR B 318 -19.91 11.74 36.14
CA THR B 318 -21.17 11.49 36.83
C THR B 318 -20.89 10.78 38.15
N ASP B 319 -21.64 11.14 39.19
CA ASP B 319 -21.51 10.51 40.49
C ASP B 319 -22.61 9.47 40.59
N LEU B 320 -22.27 8.18 40.66
CA LEU B 320 -23.27 7.11 40.72
C LEU B 320 -23.66 6.75 42.15
N SER B 321 -22.98 7.34 43.14
CA SER B 321 -23.22 6.99 44.51
C SER B 321 -24.64 7.40 44.92
N GLY B 322 -25.34 6.45 45.51
CA GLY B 322 -26.68 6.69 46.01
C GLY B 322 -27.77 6.34 45.02
N CYS B 323 -27.41 5.99 43.80
CA CYS B 323 -28.42 5.68 42.76
C CYS B 323 -29.25 4.49 43.19
N ALA B 324 -30.57 4.59 43.04
CA ALA B 324 -31.47 3.51 43.45
C ALA B 324 -31.93 2.69 42.25
N SER B 325 -31.52 3.11 41.05
CA SER B 325 -31.95 2.41 39.84
C SER B 325 -31.17 2.85 38.64
N PHE B 326 -31.23 2.05 37.59
CA PHE B 326 -30.64 2.41 36.34
C PHE B 326 -31.24 3.70 35.83
N ARG B 327 -32.57 3.83 35.94
CA ARG B 327 -33.22 5.07 35.54
C ARG B 327 -32.51 6.30 36.16
N GLU B 328 -32.18 6.24 37.45
CA GLU B 328 -31.51 7.40 38.08
C GLU B 328 -30.12 7.66 37.48
N VAL B 329 -29.40 6.59 37.14
CA VAL B 329 -28.13 6.76 36.44
C VAL B 329 -28.33 7.55 35.13
N VAL B 330 -29.36 7.20 34.38
CA VAL B 330 -29.61 7.83 33.08
C VAL B 330 -29.92 9.31 33.30
N LEU B 331 -30.75 9.61 34.28
CA LEU B 331 -31.16 11.00 34.53
C LEU B 331 -29.99 11.85 35.01
N ARG B 332 -29.09 11.26 35.79
CA ARG B 332 -27.89 11.98 36.18
C ARG B 332 -26.99 12.21 34.96
N THR B 333 -26.89 11.21 34.10
CA THR B 333 -26.13 11.35 32.86
C THR B 333 -26.74 12.46 32.01
N ARG B 334 -28.06 12.54 31.95
CA ARG B 334 -28.66 13.60 31.16
C ARG B 334 -28.23 14.97 31.72
N THR B 335 -28.24 15.12 33.03
CA THR B 335 -27.79 16.38 33.65
C THR B 335 -26.34 16.67 33.27
N THR B 336 -25.51 15.65 33.37
CA THR B 336 -24.10 15.79 33.07
C THR B 336 -23.86 16.23 31.63
N GLY B 338 -26.00 17.78 29.58
CA GLY B 338 -26.51 19.13 29.42
C GLY B 338 -25.53 20.21 29.86
N GLU B 339 -24.96 20.04 31.04
CA GLU B 339 -23.93 20.95 31.54
C GLU B 339 -22.70 20.98 30.65
N ALA B 340 -22.27 19.81 30.21
CA ALA B 340 -21.01 19.70 29.48
C ALA B 340 -21.10 20.42 28.13
N PHE B 341 -22.22 20.28 27.45
CA PHE B 341 -22.43 20.96 26.18
C PHE B 341 -22.63 22.47 26.34
N THR B 342 -23.28 22.87 27.43
CA THR B 342 -23.50 24.29 27.70
C THR B 342 -22.15 24.99 27.90
N HIS B 343 -21.18 24.28 28.50
CA HIS B 343 -19.88 24.90 28.80
C HIS B 343 -18.74 24.36 27.97
N GLU B 344 -19.06 23.72 26.86
CA GLU B 344 -18.05 23.03 26.09
C GLU B 344 -16.89 23.97 25.76
N LEU B 345 -15.68 23.45 25.94
CA LEU B 345 -14.44 24.12 25.55
C LEU B 345 -13.63 23.16 24.69
N PRO B 346 -12.84 23.69 23.77
CA PRO B 346 -11.85 22.88 23.04
C PRO B 346 -10.93 22.24 24.07
N PHE B 347 -10.71 20.94 24.01
CA PHE B 347 -10.09 20.25 25.13
C PHE B 347 -8.70 20.76 25.43
N SER B 348 -7.97 21.16 24.40
CA SER B 348 -6.60 21.64 24.59
C SER B 348 -6.56 22.91 25.43
N ARG B 349 -7.68 23.62 25.51
CA ARG B 349 -7.79 24.80 26.36
C ARG B 349 -8.41 24.48 27.74
N LEU B 350 -8.97 23.29 27.87
CA LEU B 350 -9.59 22.90 29.13
C LEU B 350 -8.53 22.23 29.98
N ILE B 351 -7.71 21.41 29.35
CA ILE B 351 -6.90 20.48 30.12
C ILE B 351 -5.89 21.20 31.03
N PRO B 352 -5.41 22.41 30.66
CA PRO B 352 -4.51 23.09 31.60
C PRO B 352 -5.20 23.53 32.90
N GLU B 353 -6.53 23.73 32.89
CA GLU B 353 -7.30 23.93 34.11
C GLU B 353 -7.24 22.73 35.08
N VAL B 354 -7.09 21.52 34.54
CA VAL B 354 -7.14 20.30 35.34
C VAL B 354 -6.16 19.25 34.80
N PRO B 355 -4.86 19.55 34.87
CA PRO B 355 -3.79 18.73 34.27
C PRO B 355 -3.85 17.28 34.61
N GLU B 356 -4.25 16.96 35.82
CA GLU B 356 -4.20 15.59 36.28
C GLU B 356 -5.37 14.74 35.80
N LEU B 357 -6.32 15.35 35.14
CA LEU B 357 -7.48 14.64 34.63
C LEU B 357 -7.07 13.41 33.82
N ALA B 359 -4.29 11.51 34.13
CA ALA B 359 -3.17 10.80 34.75
C ALA B 359 -3.08 9.33 34.31
N SER B 360 -4.20 8.69 34.03
CA SER B 360 -4.18 7.27 33.62
C SER B 360 -3.82 7.04 32.16
N ALA B 361 -3.81 8.08 31.33
CA ALA B 361 -3.71 7.90 29.88
C ALA B 361 -2.38 7.32 29.45
N ALA B 362 -1.32 7.71 30.14
CA ALA B 362 0.03 7.36 29.73
C ALA B 362 0.74 6.53 30.79
N SER B 363 -0.01 6.01 31.77
CA SER B 363 0.55 5.09 32.76
C SER B 363 0.94 3.74 32.12
N ASP B 364 1.74 2.96 32.84
CA ASP B 364 2.37 1.79 32.25
C ASP B 364 1.37 0.65 32.07
N ASN B 365 0.39 0.61 32.94
CA ASN B 365 -0.53 -0.53 33.01
C ASN B 365 -1.99 -0.12 32.85
N HIS B 366 -2.24 1.11 32.39
CA HIS B 366 -3.62 1.48 32.03
C HIS B 366 -3.70 2.34 30.78
N GLN B 367 -4.92 2.42 30.27
CA GLN B 367 -5.29 3.29 29.17
C GLN B 367 -6.68 3.86 29.47
N ILE B 368 -6.97 5.02 28.92
CA ILE B 368 -8.35 5.54 29.04
C ILE B 368 -9.21 5.04 27.89
N SER B 369 -10.53 5.11 28.09
CA SER B 369 -11.48 4.83 27.06
C SER B 369 -12.32 6.05 26.78
N VAL B 370 -12.84 6.07 25.56
CA VAL B 370 -13.72 7.09 25.07
C VAL B 370 -15.00 6.37 24.61
N PHE B 371 -16.15 6.94 24.91
CA PHE B 371 -17.42 6.37 24.50
C PHE B 371 -18.19 7.41 23.68
N GLN B 372 -18.39 7.14 22.39
CA GLN B 372 -18.94 8.18 21.51
C GLN B 372 -20.05 7.74 20.62
N ALA B 373 -20.92 8.70 20.32
CA ALA B 373 -21.84 8.63 19.20
C ALA B 373 -21.22 9.33 17.99
N VAL B 374 -21.24 8.62 16.88
CA VAL B 374 -20.84 9.15 15.60
C VAL B 374 -21.81 10.28 15.25
N HIS B 375 -21.23 11.44 14.94
CA HIS B 375 -22.02 12.62 14.60
C HIS B 375 -22.03 12.80 13.07
N ALA B 376 -23.17 12.51 12.47
CA ALA B 376 -23.32 12.60 11.03
C ALA B 376 -24.76 13.03 10.68
N PRO B 377 -24.93 13.90 9.66
CA PRO B 377 -26.28 14.38 9.35
C PRO B 377 -27.35 13.28 9.26
N ALA B 378 -28.58 13.63 9.67
CA ALA B 378 -29.69 12.68 9.76
C ALA B 378 -30.19 12.20 8.40
N SER B 379 -30.36 10.88 8.27
CA SER B 379 -30.76 10.28 7.00
C SER B 379 -31.96 9.34 7.19
N GLU B 380 -32.99 9.51 6.37
CA GLU B 380 -34.13 8.60 6.39
C GLU B 380 -34.03 7.65 5.20
N GLY B 381 -32.96 6.86 5.20
CA GLY B 381 -32.76 5.86 4.16
C GLY B 381 -31.95 6.33 2.95
N PRO B 382 -32.49 6.12 1.74
CA PRO B 382 -31.71 6.40 0.52
C PRO B 382 -31.73 7.86 0.12
N GLU B 383 -30.56 8.40 -0.23
CA GLU B 383 -30.43 9.76 -0.71
C GLU B 383 -30.39 9.73 -2.24
N GLN B 384 -30.67 10.83 -2.90
CA GLN B 384 -30.59 10.87 -4.35
C GLN B 384 -29.65 11.97 -4.77
N ALA B 385 -28.87 11.69 -5.81
CA ALA B 385 -28.17 12.74 -6.51
C ALA B 385 -28.30 12.48 -8.02
N GLY B 386 -29.16 13.25 -8.67
CA GLY B 386 -29.35 13.08 -10.10
C GLY B 386 -29.95 11.72 -10.41
N ASP B 387 -29.35 10.96 -11.34
CA ASP B 387 -29.86 9.63 -11.65
C ASP B 387 -29.47 8.57 -10.60
N LEU B 388 -28.52 8.90 -9.70
CA LEU B 388 -28.02 7.93 -8.69
C LEU B 388 -28.76 7.98 -7.35
N THR B 389 -29.01 6.81 -6.80
CA THR B 389 -29.44 6.65 -5.42
C THR B 389 -28.23 6.15 -4.63
N TYR B 390 -28.05 6.65 -3.41
CA TYR B 390 -26.96 6.17 -2.56
C TYR B 390 -27.41 6.13 -1.09
N SER B 391 -26.84 5.17 -0.35
CA SER B 391 -27.10 5.05 1.07
C SER B 391 -25.83 4.61 1.79
N LYS B 392 -25.58 5.29 2.91
CA LYS B 392 -24.44 5.04 3.70
C LYS B 392 -24.57 3.60 4.25
N ILE B 393 -23.48 2.84 4.22
CA ILE B 393 -23.47 1.51 4.82
C ILE B 393 -23.01 1.67 6.26
N TRP B 394 -23.92 1.49 7.20
CA TRP B 394 -23.63 1.61 8.63
C TRP B 394 -23.35 0.27 9.32
N GLU B 395 -24.00 -0.79 8.87
CA GLU B 395 -23.81 -2.11 9.46
C GLU B 395 -22.46 -2.71 9.10
N ARG B 396 -21.70 -3.04 10.13
CA ARG B 396 -20.40 -3.68 10.00
C ARG B 396 -20.33 -4.79 11.02
N GLN B 397 -20.13 -6.02 10.55
CA GLN B 397 -20.09 -7.17 11.43
C GLN B 397 -18.70 -7.72 11.42
N LEU B 398 -17.94 -7.38 10.37
CA LEU B 398 -16.63 -7.98 10.15
C LEU B 398 -15.58 -7.27 10.99
N SER B 399 -14.96 -8.01 11.91
CA SER B 399 -13.96 -7.43 12.75
C SER B 399 -12.64 -7.32 11.99
N GLN B 400 -11.72 -6.55 12.54
CA GLN B 400 -10.53 -6.14 11.80
C GLN B 400 -9.30 -6.15 12.71
N ALA B 401 -8.25 -6.87 12.31
CA ALA B 401 -7.10 -7.06 13.20
C ALA B 401 -6.16 -5.86 13.15
N GLU B 402 -6.20 -5.11 12.06
CA GLU B 402 -5.28 -3.99 11.93
C GLU B 402 -5.85 -2.90 11.05
N GLY B 403 -6.59 -1.99 11.66
CA GLY B 403 -7.27 -0.92 10.92
C GLY B 403 -6.89 0.49 11.36
N SER B 404 -7.87 1.39 11.28
CA SER B 404 -7.65 2.78 11.62
C SER B 404 -7.09 2.93 13.02
N ASP B 405 -6.10 3.81 13.12
CA ASP B 405 -5.34 4.00 14.34
C ASP B 405 -6.15 4.71 15.39
N ILE B 406 -6.07 4.21 16.63
CA ILE B 406 -6.48 4.97 17.80
C ILE B 406 -5.20 5.46 18.46
N PRO B 407 -5.04 6.78 18.62
CA PRO B 407 -3.73 7.26 19.03
C PRO B 407 -3.25 6.65 20.34
N ASP B 408 -4.06 6.60 21.40
CA ASP B 408 -3.61 5.97 22.62
C ASP B 408 -4.81 5.69 23.53
N GLY B 409 -5.51 4.58 23.31
CA GLY B 409 -6.65 4.28 24.16
C GLY B 409 -7.61 3.28 23.54
N VAL B 410 -8.80 3.20 24.16
CA VAL B 410 -9.87 2.30 23.75
C VAL B 410 -10.98 3.23 23.29
N LEU B 411 -11.63 2.89 22.20
CA LEU B 411 -12.71 3.71 21.67
C LEU B 411 -13.93 2.85 21.38
N TRP B 412 -15.03 3.23 22.03
CA TRP B 412 -16.35 2.72 21.68
C TRP B 412 -17.01 3.69 20.74
N SER B 413 -17.44 3.19 19.60
CA SER B 413 -18.08 4.05 18.60
C SER B 413 -19.43 3.46 18.24
N ILE B 414 -20.51 4.22 18.50
CA ILE B 414 -21.89 3.80 18.29
C ILE B 414 -22.57 4.68 17.26
N HIS B 415 -23.12 4.06 16.23
CA HIS B 415 -23.95 4.79 15.27
C HIS B 415 -25.42 4.52 15.58
N ILE B 416 -26.20 5.57 15.84
CA ILE B 416 -27.63 5.42 16.08
C ILE B 416 -28.44 5.71 14.84
N ASP B 417 -29.05 4.69 14.23
CA ASP B 417 -29.86 4.95 13.04
C ASP B 417 -31.26 5.43 13.42
N PRO B 418 -31.88 6.30 12.61
CA PRO B 418 -33.30 6.61 12.86
C PRO B 418 -34.18 5.37 12.86
N SER B 419 -33.92 4.47 11.91
CA SER B 419 -34.63 3.20 11.80
C SER B 419 -34.91 2.59 13.17
N GLY B 420 -33.93 2.70 14.06
CA GLY B 420 -34.01 2.13 15.39
C GLY B 420 -32.82 1.26 15.72
N SER B 421 -32.04 0.86 14.70
CA SER B 421 -30.90 -0.02 14.90
C SER B 421 -29.61 0.75 15.24
N ALA B 423 -25.13 0.35 15.29
CA ALA B 423 -23.99 -0.41 14.84
C ALA B 423 -22.85 0.09 15.66
N GLY B 424 -22.07 -0.82 16.20
CA GLY B 424 -20.98 -0.40 17.04
C GLY B 424 -19.64 -0.94 16.66
N SER B 425 -18.62 -0.23 17.10
CA SER B 425 -17.27 -0.73 17.02
C SER B 425 -16.59 -0.51 18.34
N LEU B 426 -15.74 -1.46 18.69
CA LEU B 426 -14.89 -1.37 19.85
C LEU B 426 -13.46 -1.52 19.35
N GLY B 427 -12.70 -0.42 19.44
CA GLY B 427 -11.35 -0.33 18.94
C GLY B 427 -10.36 -0.25 20.07
N TYR B 428 -9.22 -0.90 19.87
CA TYR B 428 -8.20 -1.00 20.91
C TYR B 428 -6.83 -1.28 20.30
N ASN B 429 -5.78 -0.88 21.02
CA ASN B 429 -4.41 -1.03 20.55
C ASN B 429 -3.96 -2.42 20.85
N THR B 430 -3.54 -3.14 19.83
CA THR B 430 -3.19 -4.53 19.99
C THR B 430 -1.83 -4.67 20.68
N ASN B 431 -1.07 -3.59 20.77
CA ASN B 431 0.15 -3.61 21.55
C ASN B 431 -0.13 -3.46 23.06
N ARG B 432 -1.41 -3.36 23.46
CA ARG B 432 -1.78 -3.19 24.89
C ARG B 432 -2.88 -4.15 25.34
N PHE B 433 -3.75 -4.56 24.40
CA PHE B 433 -4.87 -5.46 24.76
C PHE B 433 -4.91 -6.68 23.86
N LYS B 434 -5.20 -7.82 24.49
CA LYS B 434 -5.54 -9.05 23.79
C LYS B 434 -6.96 -8.99 23.26
N ASP B 435 -7.21 -9.65 22.12
CA ASP B 435 -8.54 -9.67 21.52
C ASP B 435 -9.59 -10.29 22.44
N GLU B 436 -9.15 -11.29 23.22
CA GLU B 436 -10.01 -12.01 24.17
C GLU B 436 -10.60 -11.11 25.24
N THR B 437 -9.74 -10.26 25.77
CA THR B 437 -10.12 -9.33 26.82
C THR B 437 -11.18 -8.38 26.33
N ALA B 439 -13.18 -8.85 23.65
CA ALA B 439 -14.40 -9.57 23.33
C ALA B 439 -15.26 -9.78 24.60
N ALA B 440 -14.63 -10.10 25.72
CA ALA B 440 -15.35 -10.25 26.99
C ALA B 440 -15.87 -8.89 27.52
N PHE B 441 -15.10 -7.83 27.31
CA PHE B 441 -15.52 -6.49 27.69
C PHE B 441 -16.80 -6.12 26.93
N LEU B 442 -16.79 -6.40 25.63
CA LEU B 442 -17.93 -6.09 24.78
C LEU B 442 -19.15 -6.95 25.18
N ALA B 443 -18.96 -8.25 25.35
CA ALA B 443 -20.07 -9.13 25.79
C ALA B 443 -20.67 -8.66 27.13
N ASP B 444 -19.82 -8.22 28.04
CA ASP B 444 -20.27 -7.72 29.34
C ASP B 444 -21.10 -6.44 29.20
N TYR B 445 -20.68 -5.54 28.31
CA TYR B 445 -21.46 -4.33 28.06
C TYR B 445 -22.86 -4.64 27.58
N LEU B 446 -22.98 -5.53 26.60
CA LEU B 446 -24.28 -5.82 26.01
C LEU B 446 -25.19 -6.51 27.04
N ASP B 447 -24.58 -7.27 27.95
CA ASP B 447 -25.30 -7.88 29.08
C ASP B 447 -25.82 -6.80 30.01
N VAL B 448 -24.96 -5.85 30.35
CA VAL B 448 -25.38 -4.80 31.26
C VAL B 448 -26.52 -4.04 30.64
N LEU B 449 -26.37 -3.67 29.36
CA LEU B 449 -27.36 -2.82 28.68
C LEU B 449 -28.72 -3.49 28.58
N GLU B 450 -28.71 -4.76 28.19
CA GLU B 450 -29.95 -5.49 28.08
C GLU B 450 -30.65 -5.62 29.43
N ASN B 451 -29.93 -5.90 30.49
CA ASN B 451 -30.58 -6.09 31.79
C ASN B 451 -31.01 -4.76 32.39
N ALA B 452 -30.28 -3.70 32.08
CA ALA B 452 -30.64 -2.38 32.57
C ALA B 452 -31.92 -1.89 31.92
N VAL B 453 -32.05 -2.05 30.61
CA VAL B 453 -33.21 -1.51 29.91
C VAL B 453 -34.42 -2.38 30.20
N ALA B 454 -34.18 -3.66 30.46
CA ALA B 454 -35.28 -4.57 30.77
C ALA B 454 -35.92 -4.22 32.11
N ARG B 455 -35.10 -3.87 33.10
CA ARG B 455 -35.58 -3.54 34.44
C ARG B 455 -34.99 -2.24 34.94
N PRO B 456 -35.38 -1.12 34.32
CA PRO B 456 -34.74 0.18 34.58
C PRO B 456 -35.00 0.75 35.96
N ASP B 457 -36.04 0.25 36.64
CA ASP B 457 -36.43 0.82 37.94
C ASP B 457 -36.11 -0.14 39.07
N ALA B 458 -35.48 -1.27 38.72
CA ALA B 458 -35.04 -2.25 39.68
C ALA B 458 -33.90 -1.69 40.53
N PRO B 459 -33.82 -2.10 41.81
CA PRO B 459 -32.72 -1.68 42.70
C PRO B 459 -31.34 -1.82 42.05
N PHE B 460 -30.55 -0.75 42.10
CA PHE B 460 -29.28 -0.67 41.39
C PHE B 460 -28.30 -1.73 41.90
N THR B 461 -27.62 -2.41 40.97
CA THR B 461 -26.65 -3.47 41.30
C THR B 461 -27.15 -4.38 42.42
#